data_7SSJ
#
_entry.id   7SSJ
#
_cell.length_a   94.691
_cell.length_b   94.691
_cell.length_c   240.85
_cell.angle_alpha   90
_cell.angle_beta   90
_cell.angle_gamma   120
#
_symmetry.space_group_name_H-M   'P 31 2 1'
#
loop_
_entity.id
_entity.type
_entity.pdbx_description
1 polymer 'Sensor histidine kinase DesK'
2 polymer 'Transcriptional regulatory protein DesR'
3 non-polymer 'PHOSPHOMETHYLPHOSPHONIC ACID ADENYLATE ESTER'
4 non-polymer 'MAGNESIUM ION'
5 non-polymer 'BERYLLIUM TRIFLUORIDE ION'
6 non-polymer 'SULFATE ION'
7 water water
#
loop_
_entity_poly.entity_id
_entity_poly.type
_entity_poly.pdbx_seq_one_letter_code
_entity_poly.pdbx_strand_id
1 'polypeptide(L)'
;GSGIIKLRKEIERLEEKLEDANERIAELVKLEERQRIARDLHDTLGQKLSLIGLKSDLARKLIYKDPEQAARELKSVQQT
ARTSLNEVRKIVSSMKGIRLKDELINIKQILEAADIMFIYEEEKWPENISLLNENILSMCLKEAVTNVVKHSQAKTCRVD
IQQLWKEVVITVSDDGTFKGEENSFSKGHGLLGMRERLEFANGSLHIDTENGTKLTMAIPNNSK
;
A,C,D
2 'polypeptide(L)'
;GSGSMISIFIAEDQQMLLGALGSLLNLEDDMEVVGKGTTGQDAVDFVKKRQPDVCIMDIEMPGKTGLEAAEELKDTGCKI
IILTTFARPGYFQRAIKAGVKGYLLKDSPSEELANAIRSVMNGKRIYAPELMEDLYSEA
;
B,E,F
#
loop_
_chem_comp.id
_chem_comp.type
_chem_comp.name
_chem_comp.formula
ACP non-polymer 'PHOSPHOMETHYLPHOSPHONIC ACID ADENYLATE ESTER' 'C11 H18 N5 O12 P3'
BEF non-polymer 'BERYLLIUM TRIFLUORIDE ION' 'Be F3 -1'
MG non-polymer 'MAGNESIUM ION' 'Mg 2'
SO4 non-polymer 'SULFATE ION' 'O4 S -2'
#
# COMPACT_ATOMS: atom_id res chain seq x y z
N ILE A 5 -86.98 -20.23 10.52
CA ILE A 5 -87.02 -19.12 9.56
C ILE A 5 -86.41 -17.83 10.11
N LYS A 6 -86.31 -17.70 11.45
CA LYS A 6 -85.74 -16.51 12.09
C LYS A 6 -84.20 -16.62 12.09
N LEU A 7 -83.69 -17.81 12.49
CA LEU A 7 -82.27 -18.11 12.55
C LEU A 7 -81.66 -18.23 11.15
N ARG A 8 -82.46 -18.67 10.14
CA ARG A 8 -81.99 -18.76 8.74
C ARG A 8 -81.90 -17.33 8.13
N LYS A 9 -82.78 -16.40 8.58
CA LYS A 9 -82.76 -14.99 8.18
C LYS A 9 -81.57 -14.28 8.85
N GLU A 10 -81.31 -14.62 10.14
CA GLU A 10 -80.21 -14.07 10.94
C GLU A 10 -78.84 -14.57 10.47
N ILE A 11 -78.75 -15.83 9.98
CA ILE A 11 -77.49 -16.38 9.46
C ILE A 11 -77.14 -15.68 8.14
N GLU A 12 -78.13 -15.42 7.28
CA GLU A 12 -77.91 -14.71 6.01
C GLU A 12 -77.52 -13.24 6.22
N ARG A 13 -77.98 -12.63 7.34
CA ARG A 13 -77.66 -11.26 7.72
C ARG A 13 -76.19 -11.17 8.22
N LEU A 14 -75.66 -12.26 8.82
CA LEU A 14 -74.29 -12.35 9.31
C LEU A 14 -73.34 -12.77 8.19
N GLU A 15 -73.80 -13.66 7.28
CA GLU A 15 -73.07 -14.11 6.08
C GLU A 15 -72.81 -12.91 5.12
N GLU A 16 -73.75 -11.94 5.08
CA GLU A 16 -73.71 -10.74 4.27
C GLU A 16 -72.73 -9.68 4.86
N LYS A 17 -72.63 -9.61 6.20
CA LYS A 17 -71.72 -8.69 6.90
C LYS A 17 -70.29 -9.29 7.10
N LEU A 18 -70.16 -10.62 6.99
CA LEU A 18 -68.86 -11.30 7.04
C LEU A 18 -68.20 -11.21 5.64
N GLU A 19 -69.02 -11.18 4.57
CA GLU A 19 -68.64 -10.97 3.18
C GLU A 19 -68.18 -9.49 3.01
N ASP A 20 -68.79 -8.56 3.76
CA ASP A 20 -68.39 -7.16 3.74
C ASP A 20 -67.07 -6.93 4.51
N ALA A 21 -66.71 -7.81 5.47
CA ALA A 21 -65.51 -7.74 6.30
C ALA A 21 -64.26 -8.55 5.79
N ASN A 22 -64.39 -9.89 5.56
CA ASN A 22 -63.26 -10.67 5.05
C ASN A 22 -62.89 -10.26 3.61
N GLU A 23 -63.90 -9.87 2.83
CA GLU A 23 -63.67 -9.37 1.49
C GLU A 23 -63.20 -7.92 1.60
N ARG A 24 -63.75 -7.09 2.52
CA ARG A 24 -63.29 -5.69 2.64
C ARG A 24 -61.89 -5.53 3.24
N ILE A 25 -61.33 -6.60 3.77
CA ILE A 25 -59.96 -6.63 4.22
C ILE A 25 -59.04 -6.64 2.96
N ALA A 26 -59.47 -7.30 1.86
CA ALA A 26 -58.73 -7.33 0.61
C ALA A 26 -58.69 -5.95 -0.07
N GLU A 27 -59.67 -5.07 0.22
CA GLU A 27 -59.67 -3.71 -0.31
C GLU A 27 -58.70 -2.88 0.51
N LEU A 28 -58.76 -2.98 1.85
CA LEU A 28 -57.89 -2.23 2.75
C LEU A 28 -56.44 -2.74 2.78
N VAL A 29 -56.16 -3.92 2.22
CA VAL A 29 -54.79 -4.42 2.17
C VAL A 29 -53.98 -3.74 1.02
N LYS A 30 -54.69 -3.10 0.05
CA LYS A 30 -54.12 -2.34 -1.05
C LYS A 30 -53.46 -1.06 -0.52
N LEU A 31 -54.03 -0.45 0.53
CA LEU A 31 -53.49 0.75 1.17
C LEU A 31 -52.21 0.47 1.98
N GLU A 32 -51.97 -0.78 2.35
CA GLU A 32 -50.80 -1.19 3.10
C GLU A 32 -49.59 -1.18 2.18
N GLU A 33 -49.74 -1.70 0.94
CA GLU A 33 -48.64 -1.71 -0.03
C GLU A 33 -48.40 -0.30 -0.62
N ARG A 34 -49.44 0.54 -0.69
CA ARG A 34 -49.32 1.90 -1.15
C ARG A 34 -48.60 2.78 -0.12
N GLN A 35 -48.70 2.43 1.15
CA GLN A 35 -47.98 3.10 2.22
C GLN A 35 -46.49 2.74 2.19
N ARG A 36 -46.13 1.54 1.70
CA ARG A 36 -44.76 1.08 1.54
C ARG A 36 -44.08 1.90 0.44
N ILE A 37 -44.79 2.20 -0.68
CA ILE A 37 -44.19 2.98 -1.75
C ILE A 37 -44.20 4.47 -1.43
N ALA A 38 -45.17 4.95 -0.66
CA ALA A 38 -45.21 6.35 -0.25
C ALA A 38 -44.05 6.61 0.72
N ARG A 39 -43.74 5.67 1.61
CA ARG A 39 -42.63 5.88 2.54
C ARG A 39 -41.28 5.76 1.82
N ASP A 40 -41.23 5.02 0.70
CA ASP A 40 -40.06 4.91 -0.16
C ASP A 40 -39.83 6.30 -0.84
N LEU A 41 -40.88 6.90 -1.41
CA LEU A 41 -40.81 8.21 -2.04
C LEU A 41 -40.43 9.30 -1.04
N HIS A 42 -41.02 9.29 0.16
CA HIS A 42 -40.69 10.30 1.16
C HIS A 42 -39.24 10.22 1.57
N ASP A 43 -38.66 9.04 1.60
CA ASP A 43 -37.28 8.89 1.98
C ASP A 43 -36.33 9.57 0.97
N THR A 44 -36.60 9.36 -0.34
CA THR A 44 -35.71 9.93 -1.34
C THR A 44 -36.09 11.39 -1.67
N LEU A 45 -37.31 11.83 -1.37
CA LEU A 45 -37.63 13.26 -1.43
C LEU A 45 -36.86 13.99 -0.34
N GLY A 46 -36.55 13.36 0.78
CA GLY A 46 -35.76 13.94 1.84
C GLY A 46 -34.36 14.21 1.34
N GLN A 47 -33.77 13.27 0.59
CA GLN A 47 -32.44 13.38 -0.03
C GLN A 47 -32.47 14.45 -1.14
N LYS A 48 -33.54 14.47 -1.94
CA LYS A 48 -33.73 15.43 -3.02
C LYS A 48 -33.89 16.81 -2.50
N LEU A 49 -34.71 17.02 -1.48
CA LEU A 49 -34.90 18.36 -0.89
C LEU A 49 -33.61 18.85 -0.21
N SER A 50 -32.83 17.95 0.42
CA SER A 50 -31.56 18.33 1.02
C SER A 50 -30.60 18.79 -0.08
N LEU A 51 -30.58 18.09 -1.21
CA LEU A 51 -29.74 18.45 -2.34
C LEU A 51 -30.13 19.80 -2.92
N ILE A 52 -31.41 20.07 -3.15
CA ILE A 52 -31.88 21.38 -3.64
C ILE A 52 -31.43 22.52 -2.77
N GLY A 53 -31.56 22.34 -1.46
CA GLY A 53 -31.12 23.35 -0.49
C GLY A 53 -29.63 23.62 -0.54
N LEU A 54 -28.85 22.54 -0.48
CA LEU A 54 -27.39 22.67 -0.53
C LEU A 54 -26.87 23.24 -1.84
N LYS A 55 -27.48 22.84 -2.98
CA LYS A 55 -27.05 23.34 -4.29
C LYS A 55 -27.47 24.79 -4.48
N SER A 56 -28.57 25.24 -3.84
CA SER A 56 -28.99 26.64 -3.88
C SER A 56 -28.01 27.48 -3.06
N ASP A 57 -27.63 26.99 -1.88
CA ASP A 57 -26.65 27.61 -1.00
C ASP A 57 -25.33 27.79 -1.77
N LEU A 58 -24.87 26.77 -2.48
CA LEU A 58 -23.66 26.85 -3.31
C LEU A 58 -23.80 27.81 -4.46
N ALA A 59 -24.90 27.72 -5.26
CA ALA A 59 -25.09 28.65 -6.39
C ALA A 59 -25.15 30.11 -5.91
N ARG A 60 -25.71 30.35 -4.72
CA ARG A 60 -25.80 31.70 -4.17
C ARG A 60 -24.37 32.21 -3.84
N LYS A 61 -23.56 31.34 -3.22
CA LYS A 61 -22.17 31.68 -2.91
C LYS A 61 -21.33 31.89 -4.16
N LEU A 62 -21.69 31.28 -5.29
CA LEU A 62 -20.94 31.42 -6.54
C LEU A 62 -21.35 32.57 -7.41
N ILE A 63 -22.49 33.27 -7.13
CA ILE A 63 -22.95 34.39 -7.97
C ILE A 63 -21.84 35.38 -8.32
N TYR A 64 -20.96 35.67 -7.36
CA TYR A 64 -19.87 36.61 -7.59
C TYR A 64 -18.54 35.92 -7.95
N LYS A 65 -18.20 34.84 -7.25
CA LYS A 65 -16.96 34.09 -7.51
C LYS A 65 -16.87 33.41 -8.87
N ASP A 66 -17.99 32.78 -9.36
CA ASP A 66 -18.04 32.07 -10.64
C ASP A 66 -19.48 32.04 -11.15
N PRO A 67 -19.98 33.13 -11.75
CA PRO A 67 -21.39 33.16 -12.20
C PRO A 67 -21.80 32.08 -13.20
N GLU A 68 -20.86 31.54 -13.98
CA GLU A 68 -21.17 30.48 -14.95
C GLU A 68 -21.43 29.15 -14.27
N GLN A 69 -20.70 28.89 -13.17
CA GLN A 69 -20.88 27.68 -12.39
C GLN A 69 -22.19 27.79 -11.61
N ALA A 70 -22.53 29.00 -11.09
CA ALA A 70 -23.79 29.23 -10.41
C ALA A 70 -24.98 28.91 -11.33
N ALA A 71 -24.90 29.33 -12.60
CA ALA A 71 -25.95 29.06 -13.58
C ALA A 71 -26.07 27.55 -13.89
N ARG A 72 -24.94 26.85 -13.90
CA ARG A 72 -24.87 25.42 -14.09
C ARG A 72 -25.52 24.70 -12.94
N GLU A 73 -25.25 25.14 -11.69
CA GLU A 73 -25.89 24.55 -10.48
C GLU A 73 -27.38 24.80 -10.51
N LEU A 74 -27.83 25.97 -10.96
CA LEU A 74 -29.27 26.26 -11.00
C LEU A 74 -30.02 25.49 -12.06
N LYS A 75 -29.36 25.12 -13.16
CA LYS A 75 -30.01 24.24 -14.15
C LYS A 75 -30.22 22.87 -13.53
N SER A 76 -29.24 22.42 -12.73
CA SER A 76 -29.27 21.16 -12.01
C SER A 76 -30.33 21.17 -10.87
N VAL A 77 -30.53 22.30 -10.18
CA VAL A 77 -31.56 22.40 -9.14
C VAL A 77 -32.94 22.27 -9.81
N GLN A 78 -33.13 22.99 -10.91
CA GLN A 78 -34.37 22.94 -11.67
C GLN A 78 -34.72 21.53 -12.15
N GLN A 79 -33.70 20.78 -12.57
CA GLN A 79 -33.88 19.41 -13.02
C GLN A 79 -34.25 18.50 -11.87
N THR A 80 -33.60 18.62 -10.71
CA THR A 80 -33.93 17.80 -9.54
C THR A 80 -35.36 18.01 -9.10
N ALA A 81 -35.84 19.25 -9.15
CA ALA A 81 -37.20 19.58 -8.74
C ALA A 81 -38.19 19.05 -9.75
N ARG A 82 -37.88 19.16 -11.06
CA ARG A 82 -38.72 18.65 -12.16
C ARG A 82 -38.85 17.13 -12.09
N THR A 83 -37.73 16.42 -11.92
CA THR A 83 -37.78 14.97 -11.88
C THR A 83 -38.36 14.47 -10.59
N SER A 84 -38.04 15.10 -9.45
CA SER A 84 -38.61 14.62 -8.19
C SER A 84 -40.14 14.91 -8.12
N LEU A 85 -40.64 15.92 -8.85
CA LEU A 85 -42.08 16.17 -8.99
C LEU A 85 -42.71 15.11 -9.93
N ASN A 86 -41.98 14.64 -10.94
CA ASN A 86 -42.46 13.57 -11.82
C ASN A 86 -42.75 12.28 -11.03
N GLU A 87 -41.98 12.03 -9.96
CA GLU A 87 -42.21 10.84 -9.14
C GLU A 87 -43.40 11.00 -8.25
N VAL A 88 -43.64 12.22 -7.76
CA VAL A 88 -44.81 12.52 -6.93
C VAL A 88 -46.06 12.36 -7.80
N ARG A 89 -46.01 12.85 -9.05
CA ARG A 89 -47.10 12.70 -10.01
C ARG A 89 -47.47 11.25 -10.23
N LYS A 90 -46.45 10.37 -10.32
CA LYS A 90 -46.58 8.93 -10.55
C LYS A 90 -47.32 8.23 -9.43
N ILE A 91 -47.15 8.68 -8.18
CA ILE A 91 -47.84 8.05 -7.07
C ILE A 91 -49.20 8.76 -6.79
N VAL A 92 -49.36 10.01 -7.18
CA VAL A 92 -50.65 10.69 -7.10
C VAL A 92 -51.62 10.08 -8.18
N SER A 93 -51.07 9.59 -9.31
CA SER A 93 -51.88 8.94 -10.35
C SER A 93 -52.22 7.48 -10.03
N SER A 94 -51.56 6.90 -9.00
CA SER A 94 -51.72 5.52 -8.53
C SER A 94 -51.46 4.49 -9.65
N MET A 95 -50.53 4.83 -10.58
CA MET A 95 -50.11 3.97 -11.70
C MET A 95 -49.50 2.70 -11.08
N LYS A 96 -49.77 1.53 -11.68
CA LYS A 96 -49.31 0.27 -11.08
C LYS A 96 -47.78 0.07 -11.20
N GLY A 97 -47.18 -0.25 -10.06
CA GLY A 97 -45.76 -0.59 -9.97
C GLY A 97 -45.61 -2.09 -10.17
N ILE A 98 -44.88 -2.48 -11.24
CA ILE A 98 -44.66 -3.86 -11.63
C ILE A 98 -43.47 -4.45 -10.89
N ARG A 99 -43.62 -5.71 -10.47
CA ARG A 99 -42.56 -6.45 -9.80
C ARG A 99 -41.61 -6.94 -10.86
N LEU A 100 -40.30 -6.88 -10.58
CA LEU A 100 -39.26 -7.26 -11.52
C LEU A 100 -39.39 -8.70 -12.01
N LYS A 101 -39.99 -9.60 -11.18
CA LYS A 101 -40.25 -11.00 -11.54
C LYS A 101 -41.32 -11.07 -12.64
N ASP A 102 -42.34 -10.20 -12.55
CA ASP A 102 -43.42 -10.11 -13.51
C ASP A 102 -42.97 -9.43 -14.79
N GLU A 103 -42.11 -8.40 -14.70
CA GLU A 103 -41.63 -7.72 -15.90
C GLU A 103 -40.70 -8.59 -16.72
N LEU A 104 -39.89 -9.43 -16.06
CA LEU A 104 -39.03 -10.38 -16.74
C LEU A 104 -39.89 -11.38 -17.55
N ILE A 105 -41.10 -11.73 -17.05
CA ILE A 105 -42.05 -12.61 -17.73
C ILE A 105 -42.56 -11.96 -19.02
N ASN A 106 -42.98 -10.69 -18.93
CA ASN A 106 -43.49 -9.93 -20.08
C ASN A 106 -42.43 -9.68 -21.15
N ILE A 107 -41.21 -9.28 -20.76
CA ILE A 107 -40.15 -9.01 -21.75
C ILE A 107 -39.80 -10.28 -22.57
N LYS A 108 -39.88 -11.47 -21.96
CA LYS A 108 -39.60 -12.71 -22.66
C LYS A 108 -40.67 -12.93 -23.74
N GLN A 109 -41.95 -12.66 -23.41
CA GLN A 109 -43.06 -12.81 -24.35
C GLN A 109 -43.10 -11.74 -25.43
N ILE A 110 -42.62 -10.54 -25.14
CA ILE A 110 -42.57 -9.46 -26.12
C ILE A 110 -41.44 -9.72 -27.12
N LEU A 111 -40.28 -10.18 -26.61
CA LEU A 111 -39.13 -10.50 -27.43
C LEU A 111 -39.41 -11.72 -28.33
N GLU A 112 -40.16 -12.72 -27.83
CA GLU A 112 -40.50 -13.91 -28.61
C GLU A 112 -41.54 -13.62 -29.68
N ALA A 113 -42.50 -12.74 -29.39
CA ALA A 113 -43.52 -12.33 -30.38
C ALA A 113 -42.88 -11.56 -31.53
N ALA A 114 -41.82 -10.77 -31.24
CA ALA A 114 -41.08 -10.02 -32.25
C ALA A 114 -39.93 -10.83 -32.91
N ASP A 115 -39.86 -12.15 -32.63
CA ASP A 115 -38.89 -13.13 -33.14
C ASP A 115 -37.42 -12.80 -32.83
N ILE A 116 -37.16 -12.42 -31.60
CA ILE A 116 -35.81 -12.13 -31.13
C ILE A 116 -35.50 -13.09 -29.97
N MET A 117 -34.40 -13.85 -30.09
CA MET A 117 -34.02 -14.84 -29.08
C MET A 117 -33.69 -14.18 -27.75
N PHE A 118 -34.23 -14.71 -26.67
CA PHE A 118 -34.01 -14.18 -25.33
C PHE A 118 -32.94 -14.99 -24.59
N ILE A 119 -31.83 -14.35 -24.26
CA ILE A 119 -30.75 -15.00 -23.53
C ILE A 119 -30.77 -14.58 -22.05
N TYR A 120 -30.96 -15.54 -21.14
CA TYR A 120 -31.03 -15.27 -19.70
C TYR A 120 -30.49 -16.46 -18.87
N GLU A 121 -29.36 -16.25 -18.18
CA GLU A 121 -28.79 -17.24 -17.28
C GLU A 121 -29.14 -16.75 -15.83
N GLU A 122 -30.16 -17.37 -15.27
CA GLU A 122 -30.72 -17.07 -13.96
C GLU A 122 -29.74 -17.25 -12.82
N GLU A 123 -29.65 -16.24 -11.97
CA GLU A 123 -28.81 -16.23 -10.78
C GLU A 123 -29.66 -15.83 -9.53
N LYS A 124 -29.02 -15.60 -8.36
CA LYS A 124 -29.73 -15.16 -7.15
C LYS A 124 -30.44 -13.82 -7.40
N TRP A 125 -31.74 -13.79 -7.07
CA TRP A 125 -32.61 -12.63 -7.25
C TRP A 125 -32.27 -11.46 -6.28
N PRO A 126 -32.34 -10.21 -6.77
CA PRO A 126 -32.08 -9.07 -5.86
C PRO A 126 -32.98 -9.06 -4.62
N GLU A 127 -32.40 -8.86 -3.44
CA GLU A 127 -33.15 -8.88 -2.20
C GLU A 127 -33.02 -7.58 -1.34
N ASN A 128 -32.02 -6.74 -1.59
CA ASN A 128 -31.85 -5.54 -0.76
C ASN A 128 -32.22 -4.19 -1.45
N ILE A 129 -33.24 -4.20 -2.33
CA ILE A 129 -33.72 -2.96 -2.93
C ILE A 129 -35.15 -2.68 -2.51
N SER A 130 -35.50 -1.40 -2.42
CA SER A 130 -36.83 -0.98 -2.06
C SER A 130 -37.85 -1.33 -3.15
N LEU A 131 -39.14 -1.34 -2.82
CA LEU A 131 -40.18 -1.64 -3.80
C LEU A 131 -40.22 -0.55 -4.87
N LEU A 132 -40.00 0.72 -4.49
CA LEU A 132 -39.92 1.85 -5.42
C LEU A 132 -38.73 1.69 -6.39
N ASN A 133 -37.55 1.32 -5.87
CA ASN A 133 -36.35 1.08 -6.68
C ASN A 133 -36.58 -0.04 -7.65
N GLU A 134 -37.23 -1.13 -7.20
CA GLU A 134 -37.56 -2.30 -8.03
C GLU A 134 -38.55 -1.90 -9.13
N ASN A 135 -39.50 -1.02 -8.82
CA ASN A 135 -40.46 -0.56 -9.80
C ASN A 135 -39.86 0.26 -10.88
N ILE A 136 -38.86 1.09 -10.55
CA ILE A 136 -38.09 1.90 -11.49
C ILE A 136 -37.32 0.99 -12.43
N LEU A 137 -36.63 -0.04 -11.90
CA LEU A 137 -35.89 -1.03 -12.68
C LEU A 137 -36.79 -1.79 -13.65
N SER A 138 -38.05 -2.02 -13.27
CA SER A 138 -39.00 -2.70 -14.14
C SER A 138 -39.34 -1.81 -15.32
N MET A 139 -39.62 -0.54 -15.06
CA MET A 139 -39.91 0.42 -16.12
C MET A 139 -38.73 0.59 -17.09
N CYS A 140 -37.50 0.52 -16.55
CA CYS A 140 -36.27 0.63 -17.32
C CYS A 140 -36.03 -0.62 -18.16
N LEU A 141 -36.26 -1.80 -17.58
CA LEU A 141 -36.13 -3.05 -18.32
C LEU A 141 -37.20 -3.14 -19.42
N LYS A 142 -38.41 -2.63 -19.15
CA LYS A 142 -39.49 -2.64 -20.12
C LYS A 142 -39.18 -1.70 -21.28
N GLU A 143 -38.62 -0.54 -20.99
CA GLU A 143 -38.28 0.42 -22.03
C GLU A 143 -37.11 -0.05 -22.86
N ALA A 144 -36.12 -0.72 -22.22
CA ALA A 144 -34.96 -1.26 -22.91
C ALA A 144 -35.38 -2.27 -23.99
N VAL A 145 -36.26 -3.25 -23.67
CA VAL A 145 -36.71 -4.23 -24.67
C VAL A 145 -37.66 -3.61 -25.72
N THR A 146 -38.40 -2.57 -25.35
CA THR A 146 -39.28 -1.87 -26.30
C THR A 146 -38.41 -1.21 -27.38
N ASN A 147 -37.28 -0.61 -26.98
CA ASN A 147 -36.37 -0.03 -27.92
C ASN A 147 -35.74 -1.10 -28.80
N VAL A 148 -35.46 -2.29 -28.25
CA VAL A 148 -34.84 -3.34 -29.05
C VAL A 148 -35.84 -3.93 -30.06
N VAL A 149 -37.16 -3.93 -29.75
CA VAL A 149 -38.11 -4.48 -30.73
C VAL A 149 -38.36 -3.48 -31.86
N LYS A 150 -38.37 -2.18 -31.56
CA LYS A 150 -38.66 -1.17 -32.56
C LYS A 150 -37.49 -0.73 -33.41
N HIS A 151 -36.29 -0.63 -32.83
CA HIS A 151 -35.14 -0.06 -33.56
C HIS A 151 -33.96 -0.98 -33.83
N SER A 152 -33.57 -1.80 -32.87
CA SER A 152 -32.35 -2.58 -32.97
C SER A 152 -32.14 -3.41 -34.24
N GLN A 153 -33.18 -4.16 -34.68
CA GLN A 153 -33.07 -5.08 -35.82
C GLN A 153 -32.06 -6.18 -35.44
N ALA A 154 -32.19 -6.71 -34.20
CA ALA A 154 -31.32 -7.71 -33.60
C ALA A 154 -31.88 -9.13 -33.70
N LYS A 155 -30.98 -10.12 -33.70
CA LYS A 155 -31.36 -11.52 -33.73
C LYS A 155 -31.63 -12.00 -32.28
N THR A 156 -30.76 -11.58 -31.34
CA THR A 156 -30.81 -11.97 -29.93
C THR A 156 -30.75 -10.76 -28.99
N CYS A 157 -31.21 -10.98 -27.74
CA CYS A 157 -31.23 -10.00 -26.68
C CYS A 157 -30.86 -10.68 -25.36
N ARG A 158 -29.70 -10.37 -24.81
CA ARG A 158 -29.26 -10.93 -23.54
C ARG A 158 -29.57 -10.02 -22.34
N VAL A 159 -30.39 -10.51 -21.41
CA VAL A 159 -30.72 -9.77 -20.21
C VAL A 159 -30.04 -10.38 -18.99
N ASP A 160 -29.42 -9.54 -18.15
CA ASP A 160 -28.77 -9.94 -16.91
C ASP A 160 -29.32 -9.09 -15.75
N ILE A 161 -29.67 -9.74 -14.64
CA ILE A 161 -30.15 -9.08 -13.44
C ILE A 161 -29.20 -9.56 -12.34
N GLN A 162 -28.36 -8.66 -11.81
CA GLN A 162 -27.38 -9.05 -10.81
C GLN A 162 -27.52 -8.30 -9.48
N GLN A 163 -27.34 -9.02 -8.37
CA GLN A 163 -27.36 -8.41 -7.05
C GLN A 163 -25.91 -8.33 -6.57
N LEU A 164 -25.34 -7.12 -6.61
CA LEU A 164 -23.97 -6.83 -6.20
C LEU A 164 -23.94 -6.36 -4.74
N TRP A 165 -22.74 -6.19 -4.17
CA TRP A 165 -22.56 -5.81 -2.78
C TRP A 165 -23.31 -4.54 -2.32
N LYS A 166 -23.28 -3.49 -3.14
CA LYS A 166 -23.94 -2.24 -2.80
C LYS A 166 -25.01 -1.80 -3.83
N GLU A 167 -25.34 -2.63 -4.84
CA GLU A 167 -26.29 -2.23 -5.88
C GLU A 167 -26.84 -3.39 -6.70
N VAL A 168 -27.91 -3.13 -7.45
CA VAL A 168 -28.53 -4.11 -8.34
C VAL A 168 -28.28 -3.61 -9.75
N VAL A 169 -27.66 -4.45 -10.61
CA VAL A 169 -27.36 -4.03 -11.97
C VAL A 169 -28.16 -4.84 -12.98
N ILE A 170 -28.85 -4.18 -13.91
CA ILE A 170 -29.53 -4.85 -15.00
C ILE A 170 -28.85 -4.49 -16.31
N THR A 171 -28.30 -5.46 -17.01
CA THR A 171 -27.69 -5.24 -18.33
C THR A 171 -28.64 -5.78 -19.42
N VAL A 172 -28.89 -4.99 -20.48
CA VAL A 172 -29.75 -5.40 -21.60
C VAL A 172 -28.99 -5.17 -22.90
N SER A 173 -28.51 -6.24 -23.52
CA SER A 173 -27.76 -6.10 -24.77
C SER A 173 -28.41 -6.76 -25.98
N ASP A 174 -28.45 -6.06 -27.11
CA ASP A 174 -28.96 -6.61 -28.35
C ASP A 174 -27.83 -6.61 -29.41
N ASP A 175 -27.92 -7.53 -30.38
CA ASP A 175 -26.89 -7.63 -31.42
C ASP A 175 -27.33 -6.98 -32.72
N GLY A 176 -28.03 -5.85 -32.62
CA GLY A 176 -28.48 -5.11 -33.78
C GLY A 176 -27.57 -3.92 -34.03
N THR A 177 -28.14 -2.81 -34.50
CA THR A 177 -27.36 -1.58 -34.74
C THR A 177 -28.05 -0.39 -34.11
N PHE A 178 -27.30 0.49 -33.43
CA PHE A 178 -27.89 1.67 -32.77
C PHE A 178 -28.33 2.73 -33.79
N LYS A 179 -29.65 2.95 -33.89
CA LYS A 179 -30.25 3.86 -34.87
C LYS A 179 -30.29 5.33 -34.47
N GLY A 180 -29.84 5.66 -33.27
CA GLY A 180 -29.85 7.03 -32.76
C GLY A 180 -28.98 7.98 -33.55
N GLU A 181 -29.25 9.27 -33.44
CA GLU A 181 -28.53 10.27 -34.24
C GLU A 181 -28.10 11.49 -33.40
N GLU A 182 -26.84 11.49 -32.92
CA GLU A 182 -26.24 12.56 -32.12
C GLU A 182 -26.97 12.75 -30.75
N ASN A 183 -28.06 13.56 -30.70
CA ASN A 183 -28.84 13.77 -29.47
C ASN A 183 -29.81 12.59 -29.33
N SER A 184 -29.28 11.39 -28.98
CA SER A 184 -30.14 10.21 -28.79
C SER A 184 -31.00 10.26 -27.49
N PHE A 185 -30.81 11.32 -26.69
CA PHE A 185 -31.54 11.64 -25.46
C PHE A 185 -32.40 12.86 -25.73
N SER A 186 -33.48 12.69 -26.50
CA SER A 186 -34.41 13.77 -26.82
C SER A 186 -35.50 13.94 -25.75
N LYS A 187 -36.15 15.11 -25.70
CA LYS A 187 -37.17 15.45 -24.70
C LYS A 187 -38.40 14.57 -24.77
N GLY A 188 -38.83 14.07 -23.61
CA GLY A 188 -39.99 13.19 -23.49
C GLY A 188 -39.79 11.79 -24.04
N HIS A 189 -38.54 11.39 -24.28
CA HIS A 189 -38.21 10.08 -24.81
C HIS A 189 -37.86 9.07 -23.73
N GLY A 190 -37.82 7.81 -24.10
CA GLY A 190 -37.57 6.73 -23.17
C GLY A 190 -36.20 6.74 -22.52
N LEU A 191 -35.15 7.00 -23.30
CA LEU A 191 -33.79 7.01 -22.76
C LEU A 191 -33.56 8.11 -21.76
N LEU A 192 -34.04 9.33 -22.09
CA LEU A 192 -33.94 10.46 -21.18
C LEU A 192 -34.72 10.22 -19.88
N GLY A 193 -35.93 9.67 -20.02
CA GLY A 193 -36.80 9.37 -18.91
C GLY A 193 -36.26 8.27 -18.03
N MET A 194 -35.51 7.31 -18.62
CA MET A 194 -34.85 6.22 -17.88
C MET A 194 -33.70 6.81 -17.05
N ARG A 195 -32.90 7.68 -17.69
CA ARG A 195 -31.78 8.35 -17.04
C ARG A 195 -32.27 9.21 -15.87
N GLU A 196 -33.40 9.91 -16.05
CA GLU A 196 -33.98 10.74 -15.00
C GLU A 196 -34.44 9.93 -13.78
N ARG A 197 -35.18 8.83 -13.99
CA ARG A 197 -35.68 7.98 -12.91
C ARG A 197 -34.52 7.32 -12.19
N LEU A 198 -33.54 6.79 -12.93
CA LEU A 198 -32.38 6.14 -12.34
C LEU A 198 -31.56 7.12 -11.53
N GLU A 199 -31.38 8.36 -12.01
CA GLU A 199 -30.63 9.35 -11.28
C GLU A 199 -31.37 9.85 -10.04
N PHE A 200 -32.69 9.85 -10.06
CA PHE A 200 -33.50 10.26 -8.91
C PHE A 200 -33.29 9.25 -7.75
N ALA A 201 -33.20 7.96 -8.09
CA ALA A 201 -32.94 6.83 -7.23
C ALA A 201 -31.47 6.72 -6.79
N ASN A 202 -30.55 7.61 -7.27
CA ASN A 202 -29.09 7.58 -7.03
C ASN A 202 -28.37 6.41 -7.78
N GLY A 203 -29.00 5.94 -8.84
CA GLY A 203 -28.43 4.93 -9.69
C GLY A 203 -27.82 5.56 -10.92
N SER A 204 -27.66 4.78 -11.99
CA SER A 204 -27.05 5.28 -13.21
C SER A 204 -27.42 4.46 -14.45
N LEU A 205 -27.23 5.08 -15.63
CA LEU A 205 -27.42 4.51 -16.94
C LEU A 205 -26.15 4.75 -17.79
N HIS A 206 -25.64 3.70 -18.40
CA HIS A 206 -24.48 3.76 -19.27
C HIS A 206 -24.87 3.01 -20.53
N ILE A 207 -24.66 3.61 -21.71
CA ILE A 207 -24.97 2.96 -22.98
C ILE A 207 -23.72 2.67 -23.79
N ASP A 208 -23.48 1.41 -24.15
CA ASP A 208 -22.34 1.08 -25.00
C ASP A 208 -22.86 0.66 -26.37
N THR A 209 -22.71 1.56 -27.34
CA THR A 209 -23.16 1.29 -28.69
C THR A 209 -22.09 0.60 -29.55
N GLU A 210 -20.94 0.21 -28.95
CA GLU A 210 -19.89 -0.53 -29.67
C GLU A 210 -20.32 -2.00 -29.68
N ASN A 211 -20.34 -2.61 -30.88
CA ASN A 211 -20.76 -4.00 -31.04
C ASN A 211 -22.24 -4.21 -30.67
N GLY A 212 -23.12 -3.34 -31.17
CA GLY A 212 -24.55 -3.44 -30.91
C GLY A 212 -25.06 -2.33 -30.00
N THR A 213 -25.74 -2.69 -28.91
CA THR A 213 -26.24 -1.72 -27.93
C THR A 213 -26.33 -2.42 -26.57
N LYS A 214 -25.65 -1.88 -25.57
CA LYS A 214 -25.61 -2.46 -24.22
C LYS A 214 -26.00 -1.42 -23.16
N LEU A 215 -27.20 -1.55 -22.61
CA LEU A 215 -27.66 -0.64 -21.58
C LEU A 215 -27.35 -1.18 -20.22
N THR A 216 -26.70 -0.39 -19.36
CA THR A 216 -26.36 -0.84 -18.01
C THR A 216 -27.06 0.03 -17.01
N MET A 217 -28.12 -0.53 -16.40
CA MET A 217 -28.93 0.21 -15.44
C MET A 217 -28.60 -0.23 -14.04
N ALA A 218 -28.01 0.65 -13.24
CA ALA A 218 -27.67 0.32 -11.85
C ALA A 218 -28.55 1.09 -10.87
N ILE A 219 -28.89 0.48 -9.73
CA ILE A 219 -29.69 1.13 -8.70
C ILE A 219 -29.18 0.69 -7.32
N PRO A 220 -29.04 1.59 -6.34
CA PRO A 220 -28.45 1.19 -5.05
C PRO A 220 -29.30 0.33 -4.12
N ASN A 221 -28.63 -0.34 -3.20
CA ASN A 221 -29.27 -1.13 -2.17
C ASN A 221 -29.66 -0.19 -1.00
N ASN A 222 -30.53 -0.65 -0.10
CA ASN A 222 -30.99 0.13 1.04
C ASN A 222 -29.97 0.16 2.22
N SER A 223 -30.42 0.68 3.40
CA SER A 223 -29.74 0.73 4.69
C SER A 223 -28.51 1.64 4.65
N MET B 5 -5.43 25.67 8.92
CA MET B 5 -6.19 24.81 8.00
C MET B 5 -6.82 23.58 8.65
N ILE B 6 -8.09 23.35 8.36
CA ILE B 6 -8.85 22.22 8.88
C ILE B 6 -9.12 21.25 7.73
N SER B 7 -8.52 20.06 7.78
CA SER B 7 -8.74 19.06 6.74
C SER B 7 -10.04 18.30 6.99
N ILE B 8 -10.78 17.97 5.92
CA ILE B 8 -12.09 17.33 6.04
C ILE B 8 -12.21 16.08 5.16
N PHE B 9 -12.79 14.96 5.71
CA PHE B 9 -13.18 13.81 4.90
C PHE B 9 -14.72 13.85 4.79
N ILE B 10 -15.32 13.73 3.60
CA ILE B 10 -16.78 13.72 3.51
C ILE B 10 -17.24 12.36 3.03
N ALA B 11 -18.19 11.71 3.76
CA ALA B 11 -18.71 10.41 3.30
C ALA B 11 -20.19 10.60 3.08
N GLU B 12 -20.63 10.46 1.84
CA GLU B 12 -22.02 10.64 1.47
C GLU B 12 -22.29 9.72 0.31
N ASP B 13 -23.38 8.92 0.38
CA ASP B 13 -23.73 8.04 -0.73
C ASP B 13 -24.33 8.79 -1.89
N GLN B 14 -25.07 9.88 -1.64
CA GLN B 14 -25.70 10.66 -2.73
C GLN B 14 -24.65 11.51 -3.44
N GLN B 15 -24.30 11.11 -4.66
CA GLN B 15 -23.23 11.69 -5.47
C GLN B 15 -23.39 13.20 -5.73
N MET B 16 -24.58 13.66 -6.10
CA MET B 16 -24.84 15.07 -6.32
C MET B 16 -24.62 15.87 -5.04
N LEU B 17 -25.00 15.30 -3.88
CA LEU B 17 -24.90 15.87 -2.55
C LEU B 17 -23.48 15.91 -2.08
N LEU B 18 -22.73 14.83 -2.33
CA LEU B 18 -21.31 14.71 -1.99
C LEU B 18 -20.51 15.81 -2.72
N GLY B 19 -20.90 16.13 -3.96
CA GLY B 19 -20.30 17.19 -4.76
C GLY B 19 -20.53 18.55 -4.14
N ALA B 20 -21.81 18.95 -3.96
CA ALA B 20 -22.18 20.23 -3.35
C ALA B 20 -21.55 20.43 -1.96
N LEU B 21 -21.51 19.38 -1.11
CA LEU B 21 -20.94 19.50 0.23
C LEU B 21 -19.48 19.78 0.14
N GLY B 22 -18.78 19.10 -0.77
CA GLY B 22 -17.35 19.28 -0.99
C GLY B 22 -17.02 20.67 -1.49
N SER B 23 -17.82 21.20 -2.44
CA SER B 23 -17.66 22.53 -3.00
C SER B 23 -17.92 23.60 -1.96
N LEU B 24 -18.97 23.42 -1.13
CA LEU B 24 -19.31 24.37 -0.08
C LEU B 24 -18.23 24.45 0.98
N LEU B 25 -17.72 23.30 1.46
CA LEU B 25 -16.70 23.34 2.50
C LEU B 25 -15.37 23.89 1.99
N ASN B 26 -15.03 23.60 0.73
CA ASN B 26 -13.80 24.03 0.09
C ASN B 26 -13.76 25.58 -0.01
N LEU B 27 -14.92 26.19 -0.28
CA LEU B 27 -15.13 27.64 -0.35
C LEU B 27 -14.74 28.36 0.96
N GLU B 28 -14.59 27.65 2.07
CA GLU B 28 -14.19 28.27 3.33
C GLU B 28 -12.69 28.44 3.33
N ASP B 29 -12.22 29.63 3.71
CA ASP B 29 -10.79 29.98 3.69
C ASP B 29 -9.96 29.10 4.58
N ASP B 30 -10.52 28.64 5.69
CA ASP B 30 -9.79 27.85 6.67
C ASP B 30 -10.02 26.35 6.61
N MET B 31 -10.75 25.87 5.61
CA MET B 31 -11.02 24.45 5.46
C MET B 31 -10.66 23.98 4.07
N GLU B 32 -10.39 22.68 3.93
CA GLU B 32 -10.15 22.09 2.63
C GLU B 32 -10.54 20.62 2.65
N VAL B 33 -11.32 20.17 1.66
CA VAL B 33 -11.71 18.77 1.58
C VAL B 33 -10.53 17.90 1.08
N VAL B 34 -10.04 17.02 1.92
CA VAL B 34 -8.90 16.18 1.59
C VAL B 34 -9.27 14.75 1.11
N GLY B 35 -10.56 14.40 1.14
CA GLY B 35 -11.02 13.09 0.73
C GLY B 35 -12.52 13.04 0.67
N LYS B 36 -13.06 12.21 -0.23
CA LYS B 36 -14.50 12.03 -0.39
C LYS B 36 -14.83 10.54 -0.62
N GLY B 37 -15.93 10.08 -0.05
CA GLY B 37 -16.34 8.68 -0.12
C GLY B 37 -17.84 8.53 -0.23
N THR B 38 -18.29 7.37 -0.71
CA THR B 38 -19.72 7.09 -0.88
C THR B 38 -20.28 6.04 0.08
N THR B 39 -19.44 5.43 0.91
CA THR B 39 -19.86 4.44 1.89
C THR B 39 -19.04 4.67 3.18
N GLY B 40 -19.52 4.06 4.28
CA GLY B 40 -18.85 4.10 5.57
C GLY B 40 -17.49 3.44 5.51
N GLN B 41 -17.28 2.52 4.56
CA GLN B 41 -16.01 1.83 4.39
C GLN B 41 -14.95 2.78 3.86
N ASP B 42 -15.31 3.66 2.92
CA ASP B 42 -14.37 4.66 2.40
C ASP B 42 -13.88 5.59 3.52
N ALA B 43 -14.79 5.94 4.45
CA ALA B 43 -14.46 6.78 5.60
C ALA B 43 -13.51 6.05 6.54
N VAL B 44 -13.82 4.78 6.86
CA VAL B 44 -12.99 3.92 7.68
C VAL B 44 -11.59 3.78 7.06
N ASP B 45 -11.51 3.38 5.78
CA ASP B 45 -10.26 3.23 5.05
C ASP B 45 -9.45 4.55 5.05
N PHE B 46 -10.10 5.71 4.78
CA PHE B 46 -9.38 6.98 4.73
C PHE B 46 -8.89 7.48 6.08
N VAL B 47 -9.77 7.62 7.10
CA VAL B 47 -9.31 8.14 8.38
C VAL B 47 -8.29 7.23 9.03
N LYS B 48 -8.33 5.91 8.76
CA LYS B 48 -7.32 4.99 9.29
C LYS B 48 -5.95 5.31 8.67
N LYS B 49 -5.88 5.43 7.32
CA LYS B 49 -4.65 5.75 6.61
C LYS B 49 -4.17 7.23 6.77
N ARG B 50 -4.90 8.21 6.21
CA ARG B 50 -4.51 9.62 6.21
C ARG B 50 -4.79 10.39 7.51
N GLN B 51 -5.86 10.02 8.23
CA GLN B 51 -6.26 10.66 9.50
C GLN B 51 -6.45 12.19 9.39
N PRO B 52 -7.65 12.63 8.97
CA PRO B 52 -7.90 14.07 8.88
C PRO B 52 -8.32 14.72 10.21
N ASP B 53 -8.46 16.05 10.22
CA ASP B 53 -8.88 16.80 11.39
C ASP B 53 -10.35 16.47 11.72
N VAL B 54 -11.23 16.57 10.73
CA VAL B 54 -12.66 16.32 10.90
C VAL B 54 -13.22 15.34 9.83
N CYS B 55 -14.17 14.47 10.24
CA CYS B 55 -14.81 13.52 9.36
C CYS B 55 -16.34 13.76 9.27
N ILE B 56 -16.82 14.49 8.22
CA ILE B 56 -18.25 14.72 8.02
C ILE B 56 -18.81 13.41 7.46
N MET B 57 -19.90 12.89 8.06
CA MET B 57 -20.39 11.56 7.69
C MET B 57 -21.90 11.36 7.64
N ASP B 58 -22.39 10.92 6.50
CA ASP B 58 -23.79 10.55 6.32
C ASP B 58 -24.13 9.28 7.15
N ILE B 59 -25.43 9.08 7.53
CA ILE B 59 -25.81 7.87 8.24
C ILE B 59 -26.13 6.76 7.19
N GLU B 60 -27.28 6.86 6.53
CA GLU B 60 -27.73 5.91 5.56
C GLU B 60 -26.86 5.92 4.30
N MET B 61 -25.94 4.98 4.25
CA MET B 61 -25.08 4.74 3.09
C MET B 61 -25.04 3.23 2.82
N PRO B 62 -25.18 2.75 1.56
CA PRO B 62 -25.02 1.30 1.29
C PRO B 62 -23.64 0.79 1.67
N GLY B 63 -23.48 -0.54 1.73
CA GLY B 63 -22.24 -1.13 2.22
C GLY B 63 -22.19 -0.89 3.72
N LYS B 64 -21.18 -0.16 4.18
CA LYS B 64 -21.09 0.18 5.60
C LYS B 64 -21.82 1.51 5.84
N THR B 65 -22.57 1.63 6.96
CA THR B 65 -23.30 2.88 7.29
C THR B 65 -22.38 3.84 8.08
N GLY B 66 -22.82 5.09 8.21
CA GLY B 66 -22.05 6.09 8.94
C GLY B 66 -21.98 5.80 10.42
N LEU B 67 -23.04 5.23 10.99
CA LEU B 67 -23.04 4.84 12.42
C LEU B 67 -22.10 3.65 12.59
N GLU B 68 -22.17 2.67 11.67
CA GLU B 68 -21.27 1.53 11.73
C GLU B 68 -19.80 1.96 11.62
N ALA B 69 -19.54 2.96 10.78
CA ALA B 69 -18.19 3.48 10.57
C ALA B 69 -17.70 4.30 11.76
N ALA B 70 -18.62 5.01 12.45
CA ALA B 70 -18.28 5.77 13.65
C ALA B 70 -17.87 4.77 14.75
N GLU B 71 -18.64 3.67 14.89
CA GLU B 71 -18.39 2.59 15.83
C GLU B 71 -16.99 1.94 15.67
N GLU B 72 -16.40 1.94 14.46
CA GLU B 72 -15.07 1.38 14.16
C GLU B 72 -13.93 2.40 14.30
N LEU B 73 -14.25 3.70 14.29
CA LEU B 73 -13.26 4.77 14.45
C LEU B 73 -13.42 5.45 15.83
N LYS B 74 -13.87 4.69 16.84
CA LYS B 74 -14.13 5.20 18.18
C LYS B 74 -12.86 5.64 18.89
N ASP B 75 -11.78 4.88 18.76
CA ASP B 75 -10.53 5.22 19.43
C ASP B 75 -9.49 5.74 18.42
N THR B 76 -9.85 6.78 17.64
CA THR B 76 -8.94 7.28 16.62
C THR B 76 -8.54 8.75 16.77
N GLY B 77 -9.27 9.51 17.58
CA GLY B 77 -8.95 10.93 17.76
C GLY B 77 -9.45 11.87 16.66
N CYS B 78 -10.11 11.31 15.65
CA CYS B 78 -10.67 12.07 14.54
C CYS B 78 -12.04 12.60 14.99
N LYS B 79 -12.31 13.88 14.75
CA LYS B 79 -13.57 14.48 15.18
C LYS B 79 -14.67 14.17 14.18
N ILE B 80 -15.62 13.28 14.53
CA ILE B 80 -16.68 12.92 13.60
C ILE B 80 -17.97 13.69 13.79
N ILE B 81 -18.40 14.38 12.76
CA ILE B 81 -19.69 15.03 12.74
C ILE B 81 -20.59 14.15 11.89
N ILE B 82 -21.78 13.84 12.36
CA ILE B 82 -22.73 12.99 11.65
C ILE B 82 -23.78 13.87 11.07
N LEU B 83 -24.22 13.58 9.88
CA LEU B 83 -25.26 14.31 9.20
C LEU B 83 -26.28 13.30 8.81
N THR B 84 -27.56 13.65 8.89
CA THR B 84 -28.65 12.76 8.51
C THR B 84 -29.84 13.56 8.09
N THR B 85 -30.75 12.97 7.34
CA THR B 85 -31.90 13.68 6.80
C THR B 85 -33.10 13.59 7.72
N PHE B 86 -33.38 12.38 8.22
CA PHE B 86 -34.52 12.08 9.07
C PHE B 86 -34.06 11.61 10.40
N ALA B 87 -34.73 12.12 11.46
CA ALA B 87 -34.48 11.67 12.82
C ALA B 87 -35.18 10.31 12.94
N ARG B 88 -34.38 9.24 13.15
CA ARG B 88 -34.96 7.90 13.24
C ARG B 88 -34.64 7.23 14.58
N PRO B 89 -35.53 6.29 15.03
CA PRO B 89 -35.31 5.63 16.32
C PRO B 89 -33.97 4.93 16.42
N GLY B 90 -33.26 5.25 17.49
CA GLY B 90 -31.98 4.62 17.77
C GLY B 90 -30.77 5.31 17.18
N TYR B 91 -30.99 6.26 16.25
CA TYR B 91 -29.88 6.97 15.59
C TYR B 91 -29.17 7.86 16.57
N PHE B 92 -29.92 8.68 17.33
CA PHE B 92 -29.31 9.61 18.27
C PHE B 92 -28.47 8.90 19.32
N GLN B 93 -29.02 7.81 19.83
CA GLN B 93 -28.48 6.96 20.88
C GLN B 93 -27.17 6.33 20.41
N ARG B 94 -27.23 5.65 19.26
CA ARG B 94 -26.09 4.99 18.63
C ARG B 94 -24.95 5.97 18.36
N ALA B 95 -25.28 7.25 18.04
CA ALA B 95 -24.30 8.29 17.73
C ALA B 95 -23.57 8.75 18.98
N ILE B 96 -24.32 8.96 20.09
CA ILE B 96 -23.72 9.37 21.36
C ILE B 96 -22.86 8.23 21.93
N LYS B 97 -23.35 6.97 21.79
CA LYS B 97 -22.61 5.80 22.24
C LYS B 97 -21.27 5.66 21.50
N ALA B 98 -21.23 6.06 20.20
CA ALA B 98 -20.03 6.02 19.37
C ALA B 98 -19.03 7.15 19.72
N GLY B 99 -19.50 8.23 20.34
CA GLY B 99 -18.64 9.33 20.74
C GLY B 99 -18.48 10.42 19.69
N VAL B 100 -19.51 10.60 18.84
CA VAL B 100 -19.44 11.60 17.80
C VAL B 100 -19.43 13.00 18.40
N LYS B 101 -18.69 13.93 17.78
CA LYS B 101 -18.62 15.31 18.23
C LYS B 101 -19.78 16.19 17.73
N GLY B 102 -20.46 15.80 16.65
CA GLY B 102 -21.58 16.55 16.11
C GLY B 102 -22.65 15.65 15.52
N TYR B 103 -23.91 16.05 15.61
CA TYR B 103 -25.02 15.29 15.08
C TYR B 103 -25.99 16.33 14.49
N LEU B 104 -25.95 16.55 13.16
CA LEU B 104 -26.67 17.63 12.51
C LEU B 104 -27.60 17.21 11.39
N LEU B 105 -28.52 18.09 11.00
CA LEU B 105 -29.41 17.84 9.88
C LEU B 105 -28.67 18.22 8.59
N LYS B 106 -28.72 17.34 7.58
CA LYS B 106 -27.99 17.52 6.33
C LYS B 106 -28.26 18.85 5.61
N ASP B 107 -29.54 19.26 5.58
CA ASP B 107 -30.00 20.44 4.90
C ASP B 107 -29.87 21.76 5.68
N SER B 108 -29.22 21.72 6.86
CA SER B 108 -28.98 22.92 7.62
C SER B 108 -27.97 23.80 6.83
N PRO B 109 -28.15 25.13 6.86
CA PRO B 109 -27.25 26.03 6.10
C PRO B 109 -25.76 25.73 6.21
N SER B 110 -25.02 26.08 5.17
CA SER B 110 -23.58 25.84 5.11
C SER B 110 -22.83 26.64 6.18
N GLU B 111 -23.33 27.84 6.52
CA GLU B 111 -22.77 28.71 7.53
C GLU B 111 -22.74 27.96 8.88
N GLU B 112 -23.86 27.31 9.24
CA GLU B 112 -24.03 26.54 10.45
C GLU B 112 -23.11 25.37 10.48
N LEU B 113 -23.00 24.62 9.36
CA LEU B 113 -22.11 23.48 9.23
C LEU B 113 -20.66 23.90 9.39
N ALA B 114 -20.27 24.99 8.74
CA ALA B 114 -18.91 25.53 8.81
C ALA B 114 -18.62 25.96 10.24
N ASN B 115 -19.61 26.61 10.91
CA ASN B 115 -19.49 27.01 12.32
C ASN B 115 -19.29 25.78 13.17
N ALA B 116 -20.11 24.74 12.96
CA ALA B 116 -20.03 23.50 13.73
C ALA B 116 -18.69 22.82 13.56
N ILE B 117 -18.06 22.93 12.36
CA ILE B 117 -16.74 22.35 12.15
C ILE B 117 -15.70 23.11 12.98
N ARG B 118 -15.77 24.46 13.01
CA ARG B 118 -14.85 25.27 13.83
C ARG B 118 -15.10 25.03 15.34
N SER B 119 -16.37 24.91 15.77
CA SER B 119 -16.74 24.64 17.15
C SER B 119 -16.25 23.26 17.59
N VAL B 120 -16.42 22.25 16.73
CA VAL B 120 -15.96 20.89 17.04
C VAL B 120 -14.41 20.87 17.15
N MET B 121 -13.72 21.67 16.33
CA MET B 121 -12.27 21.75 16.41
C MET B 121 -11.80 22.44 17.71
N ASN B 122 -12.64 23.28 18.31
CA ASN B 122 -12.36 23.94 19.59
C ASN B 122 -12.93 23.13 20.77
N GLY B 123 -12.92 21.80 20.65
CA GLY B 123 -13.38 20.88 21.69
C GLY B 123 -14.87 20.77 21.97
N LYS B 124 -15.69 21.72 21.50
CA LYS B 124 -17.13 21.71 21.74
C LYS B 124 -17.87 20.53 21.04
N ARG B 125 -19.11 20.25 21.44
CA ARG B 125 -19.92 19.21 20.83
C ARG B 125 -21.28 19.82 20.48
N ILE B 126 -21.66 19.77 19.20
CA ILE B 126 -22.91 20.37 18.76
C ILE B 126 -23.89 19.32 18.32
N TYR B 127 -25.07 19.26 18.96
CA TYR B 127 -26.14 18.31 18.60
C TYR B 127 -27.39 19.05 18.17
N ALA B 128 -28.19 18.47 17.27
CA ALA B 128 -29.34 19.17 16.71
C ALA B 128 -30.66 18.88 17.40
N PRO B 129 -31.34 19.93 17.91
CA PRO B 129 -32.63 19.72 18.61
C PRO B 129 -33.66 18.94 17.81
N GLU B 130 -33.82 19.25 16.52
CA GLU B 130 -34.77 18.59 15.63
C GLU B 130 -34.56 17.09 15.55
N LEU B 131 -33.32 16.64 15.66
CA LEU B 131 -32.98 15.23 15.61
C LEU B 131 -33.27 14.47 16.95
N MET B 132 -33.63 15.20 18.01
CA MET B 132 -34.03 14.65 19.29
C MET B 132 -35.42 15.21 19.54
N GLU B 133 -36.46 14.56 18.99
CA GLU B 133 -37.83 15.05 19.16
C GLU B 133 -38.73 14.06 19.91
N ASP B 134 -38.88 12.85 19.38
CA ASP B 134 -39.70 11.81 20.02
C ASP B 134 -39.47 10.48 19.31
N ILE C 4 56.00 -35.03 34.15
CA ILE C 4 55.53 -34.45 35.41
C ILE C 4 55.66 -32.92 35.39
N ILE C 5 56.83 -32.40 35.01
CA ILE C 5 57.03 -30.95 34.88
C ILE C 5 56.48 -30.44 33.51
N LYS C 6 56.50 -31.31 32.49
CA LYS C 6 55.93 -31.06 31.16
C LYS C 6 54.41 -30.83 31.29
N LEU C 7 53.75 -31.58 32.19
CA LEU C 7 52.31 -31.52 32.43
C LEU C 7 51.87 -30.21 33.06
N ARG C 8 52.73 -29.60 33.87
CA ARG C 8 52.43 -28.31 34.49
C ARG C 8 52.53 -27.19 33.43
N LYS C 9 53.49 -27.32 32.49
CA LYS C 9 53.67 -26.38 31.37
C LYS C 9 52.53 -26.55 30.33
N GLU C 10 51.99 -27.78 30.20
CA GLU C 10 50.88 -28.11 29.32
C GLU C 10 49.54 -27.67 29.92
N ILE C 11 49.42 -27.63 31.27
CA ILE C 11 48.19 -27.18 31.93
C ILE C 11 48.01 -25.65 31.73
N GLU C 12 49.13 -24.88 31.83
CA GLU C 12 49.11 -23.43 31.68
C GLU C 12 48.83 -22.97 30.25
N ARG C 13 49.34 -23.69 29.24
CA ARG C 13 49.05 -23.36 27.85
C ARG C 13 47.58 -23.64 27.50
N LEU C 14 46.99 -24.68 28.11
CA LEU C 14 45.59 -25.09 27.93
C LEU C 14 44.58 -24.10 28.57
N GLU C 15 44.89 -23.58 29.77
CA GLU C 15 44.04 -22.61 30.47
C GLU C 15 44.02 -21.24 29.78
N GLU C 16 45.14 -20.89 29.13
CA GLU C 16 45.35 -19.67 28.35
C GLU C 16 44.48 -19.71 27.09
N LYS C 17 44.43 -20.87 26.41
CA LYS C 17 43.68 -21.11 25.19
C LYS C 17 42.17 -21.07 25.42
N LEU C 18 41.73 -21.43 26.64
CA LEU C 18 40.31 -21.40 27.02
C LEU C 18 39.86 -19.98 27.39
N GLU C 19 40.77 -19.18 28.00
CA GLU C 19 40.48 -17.80 28.33
C GLU C 19 40.31 -16.96 27.06
N ASP C 20 41.14 -17.25 26.03
CA ASP C 20 41.09 -16.61 24.72
C ASP C 20 39.75 -16.90 24.05
N ALA C 21 39.29 -18.16 24.13
CA ALA C 21 38.04 -18.59 23.53
C ALA C 21 36.81 -18.03 24.24
N ASN C 22 36.87 -17.85 25.57
CA ASN C 22 35.75 -17.28 26.33
C ASN C 22 35.63 -15.76 26.08
N GLU C 23 36.77 -15.09 25.96
CA GLU C 23 36.81 -13.66 25.67
C GLU C 23 36.32 -13.41 24.24
N ARG C 24 36.68 -14.31 23.29
CA ARG C 24 36.24 -14.21 21.90
C ARG C 24 34.73 -14.51 21.79
N ILE C 25 34.19 -15.38 22.68
CA ILE C 25 32.76 -15.69 22.69
C ILE C 25 31.96 -14.43 23.11
N ALA C 26 32.49 -13.62 24.04
CA ALA C 26 31.83 -12.38 24.46
C ALA C 26 31.82 -11.30 23.33
N GLU C 27 32.79 -11.37 22.40
CA GLU C 27 32.83 -10.47 21.26
C GLU C 27 31.83 -10.96 20.23
N LEU C 28 31.80 -12.28 19.95
CA LEU C 28 30.90 -12.88 18.99
C LEU C 28 29.44 -12.95 19.47
N VAL C 29 29.18 -12.72 20.76
CA VAL C 29 27.80 -12.72 21.27
C VAL C 29 27.07 -11.38 20.92
N LYS C 30 27.84 -10.33 20.56
CA LYS C 30 27.31 -9.02 20.12
C LYS C 30 26.66 -9.16 18.73
N LEU C 31 27.21 -10.03 17.87
CA LEU C 31 26.68 -10.31 16.55
C LEU C 31 25.37 -11.10 16.60
N GLU C 32 25.08 -11.78 17.71
CA GLU C 32 23.85 -12.57 17.90
C GLU C 32 22.69 -11.61 18.08
N GLU C 33 22.85 -10.55 18.89
CA GLU C 33 21.77 -9.58 19.10
C GLU C 33 21.60 -8.65 17.88
N ARG C 34 22.68 -8.39 17.14
CA ARG C 34 22.62 -7.59 15.94
C ARG C 34 21.94 -8.33 14.79
N GLN C 35 22.02 -9.66 14.79
CA GLN C 35 21.36 -10.52 13.82
C GLN C 35 19.85 -10.56 14.10
N ARG C 36 19.43 -10.39 15.36
CA ARG C 36 18.03 -10.36 15.75
C ARG C 36 17.40 -9.08 15.20
N ILE C 37 18.11 -7.92 15.26
CA ILE C 37 17.53 -6.67 14.74
C ILE C 37 17.64 -6.60 13.21
N ALA C 38 18.66 -7.22 12.60
CA ALA C 38 18.80 -7.25 11.14
C ALA C 38 17.71 -8.14 10.54
N ARG C 39 17.37 -9.27 11.21
CA ARG C 39 16.29 -10.12 10.70
C ARG C 39 14.91 -9.48 10.93
N ASP C 40 14.76 -8.61 11.96
CA ASP C 40 13.53 -7.84 12.18
C ASP C 40 13.39 -6.76 11.07
N LEU C 41 14.52 -6.18 10.62
CA LEU C 41 14.55 -5.19 9.58
C LEU C 41 14.20 -5.85 8.25
N HIS C 42 14.82 -6.99 7.94
CA HIS C 42 14.54 -7.71 6.70
C HIS C 42 13.10 -8.13 6.61
N ASP C 43 12.43 -8.42 7.74
CA ASP C 43 11.02 -8.80 7.70
CA ASP C 43 11.04 -8.82 7.71
C ASP C 43 10.16 -7.63 7.34
N THR C 44 10.41 -6.45 7.92
CA THR C 44 9.61 -5.27 7.61
C THR C 44 9.94 -4.74 6.22
N LEU C 45 11.19 -4.81 5.79
CA LEU C 45 11.57 -4.41 4.43
C LEU C 45 10.86 -5.26 3.39
N GLY C 46 10.57 -6.52 3.71
CA GLY C 46 9.81 -7.43 2.86
C GLY C 46 8.41 -6.90 2.64
N GLN C 47 7.77 -6.42 3.72
CA GLN C 47 6.45 -5.81 3.68
C GLN C 47 6.47 -4.51 2.91
N LYS C 48 7.52 -3.72 3.09
CA LYS C 48 7.63 -2.42 2.43
C LYS C 48 7.89 -2.57 0.96
N LEU C 49 8.78 -3.49 0.59
CA LEU C 49 9.06 -3.74 -0.82
C LEU C 49 7.83 -4.30 -1.53
N SER C 50 7.05 -5.15 -0.85
CA SER C 50 5.80 -5.68 -1.44
C SER C 50 4.81 -4.54 -1.67
N LEU C 51 4.72 -3.62 -0.71
CA LEU C 51 3.85 -2.47 -0.78
C LEU C 51 4.27 -1.53 -1.93
N ILE C 52 5.57 -1.24 -2.08
CA ILE C 52 6.07 -0.40 -3.15
C ILE C 52 5.69 -0.92 -4.51
N GLY C 53 5.84 -2.23 -4.69
CA GLY C 53 5.49 -2.91 -5.93
C GLY C 53 4.01 -2.85 -6.21
N LEU C 54 3.16 -3.19 -5.23
CA LEU C 54 1.72 -3.15 -5.42
C LEU C 54 1.17 -1.75 -5.67
N LYS C 55 1.72 -0.75 -4.98
CA LYS C 55 1.28 0.63 -5.16
C LYS C 55 1.75 1.19 -6.49
N SER C 56 2.92 0.74 -7.01
CA SER C 56 3.38 1.15 -8.33
C SER C 56 2.51 0.53 -9.41
N ASP C 57 2.14 -0.75 -9.25
CA ASP C 57 1.24 -1.48 -10.14
C ASP C 57 -0.10 -0.70 -10.23
N LEU C 58 -0.64 -0.28 -9.08
CA LEU C 58 -1.87 0.48 -9.04
C LEU C 58 -1.74 1.86 -9.67
N ALA C 59 -0.69 2.63 -9.32
CA ALA C 59 -0.49 3.95 -9.91
C ALA C 59 -0.32 3.87 -11.43
N ARG C 60 0.32 2.82 -11.94
CA ARG C 60 0.49 2.63 -13.37
C ARG C 60 -0.87 2.40 -14.04
N LYS C 61 -1.71 1.56 -13.44
CA LYS C 61 -3.05 1.32 -13.96
C LYS C 61 -3.95 2.57 -13.92
N LEU C 62 -3.68 3.50 -12.98
CA LEU C 62 -4.48 4.70 -12.87
C LEU C 62 -4.02 5.88 -13.69
N ILE C 63 -2.86 5.83 -14.34
CA ILE C 63 -2.32 6.98 -15.10
C ILE C 63 -3.36 7.64 -16.03
N TYR C 64 -4.19 6.82 -16.68
CA TYR C 64 -5.21 7.33 -17.59
C TYR C 64 -6.59 7.42 -16.93
N LYS C 65 -6.98 6.40 -16.15
CA LYS C 65 -8.28 6.36 -15.48
C LYS C 65 -8.49 7.45 -14.42
N ASP C 66 -7.47 7.72 -13.58
CA ASP C 66 -7.53 8.73 -12.51
C ASP C 66 -6.12 9.24 -12.21
N PRO C 67 -5.60 10.18 -13.02
CA PRO C 67 -4.23 10.68 -12.80
C PRO C 67 -3.97 11.33 -11.44
N GLU C 68 -5.00 11.86 -10.77
CA GLU C 68 -4.82 12.49 -9.46
C GLU C 68 -4.59 11.43 -8.38
N GLN C 69 -5.26 10.28 -8.50
CA GLN C 69 -5.09 9.18 -7.58
C GLN C 69 -3.72 8.55 -7.81
N ALA C 70 -3.29 8.40 -9.07
CA ALA C 70 -1.97 7.87 -9.41
C ALA C 70 -0.87 8.72 -8.77
N ALA C 71 -1.00 10.06 -8.82
CA ALA C 71 -0.03 10.99 -8.21
C ALA C 71 -0.02 10.86 -6.70
N ARG C 72 -1.19 10.63 -6.09
CA ARG C 72 -1.32 10.41 -4.66
C ARG C 72 -0.61 9.12 -4.27
N GLU C 73 -0.78 8.04 -5.04
CA GLU C 73 -0.11 6.77 -4.77
C GLU C 73 1.40 6.93 -4.91
N LEU C 74 1.87 7.73 -5.89
CA LEU C 74 3.31 7.91 -6.08
C LEU C 74 3.97 8.75 -5.01
N LYS C 75 3.22 9.68 -4.40
CA LYS C 75 3.77 10.46 -3.27
C LYS C 75 3.98 9.50 -2.10
N SER C 76 3.03 8.56 -1.91
CA SER C 76 3.06 7.53 -0.90
C SER C 76 4.18 6.50 -1.15
N VAL C 77 4.47 6.15 -2.41
CA VAL C 77 5.57 5.23 -2.72
C VAL C 77 6.90 5.90 -2.35
N GLN C 78 7.06 7.15 -2.73
CA GLN C 78 8.25 7.93 -2.41
C GLN C 78 8.50 8.05 -0.90
N GLN C 79 7.43 8.19 -0.11
CA GLN C 79 7.50 8.30 1.34
C GLN C 79 7.90 6.96 1.94
N THR C 80 7.32 5.84 1.46
CA THR C 80 7.67 4.50 1.96
C THR C 80 9.15 4.21 1.72
N ALA C 81 9.67 4.59 0.55
CA ALA C 81 11.08 4.35 0.23
C ALA C 81 11.98 5.24 1.09
N ARG C 82 11.57 6.51 1.34
CA ARG C 82 12.32 7.43 2.21
C ARG C 82 12.39 6.89 3.67
N THR C 83 11.24 6.76 4.33
CA THR C 83 11.18 6.33 5.70
C THR C 83 11.79 4.95 5.90
N SER C 84 11.70 4.02 4.91
CA SER C 84 12.32 2.71 5.07
C SER C 84 13.85 2.77 4.84
N LEU C 85 14.33 3.70 4.03
CA LEU C 85 15.78 3.92 3.89
C LEU C 85 16.29 4.57 5.22
N ASN C 86 15.47 5.40 5.89
CA ASN C 86 15.85 5.97 7.18
C ASN C 86 16.09 4.86 8.22
N GLU C 87 15.33 3.75 8.15
CA GLU C 87 15.50 2.65 9.08
C GLU C 87 16.74 1.83 8.76
N VAL C 88 17.08 1.72 7.48
CA VAL C 88 18.30 1.03 7.07
C VAL C 88 19.51 1.83 7.54
N ARG C 89 19.45 3.16 7.41
CA ARG C 89 20.50 4.06 7.89
C ARG C 89 20.74 3.89 9.38
N LYS C 90 19.65 3.71 10.18
CA LYS C 90 19.68 3.53 11.63
C LYS C 90 20.43 2.28 12.04
N ILE C 91 20.33 1.20 11.25
CA ILE C 91 21.04 -0.03 11.60
C ILE C 91 22.46 -0.07 10.95
N VAL C 92 22.67 0.66 9.85
CA VAL C 92 24.01 0.77 9.26
C VAL C 92 24.90 1.63 10.20
N SER C 93 24.29 2.61 10.91
CA SER C 93 25.01 3.46 11.88
C SER C 93 25.26 2.77 13.23
N SER C 94 24.61 1.62 13.47
CA SER C 94 24.70 0.82 14.70
C SER C 94 24.31 1.63 15.96
N MET C 95 23.38 2.60 15.80
CA MET C 95 22.86 3.42 16.89
C MET C 95 22.22 2.53 17.94
N LYS C 96 22.42 2.83 19.24
CA LYS C 96 21.91 1.99 20.32
C LYS C 96 20.40 2.03 20.49
N GLY C 97 19.80 0.85 20.47
CA GLY C 97 18.37 0.70 20.67
C GLY C 97 18.09 0.50 22.13
N ILE C 98 17.30 1.40 22.72
CA ILE C 98 16.97 1.38 24.15
C ILE C 98 15.83 0.43 24.46
N ARG C 99 15.96 -0.33 25.56
CA ARG C 99 14.92 -1.24 26.02
C ARG C 99 13.86 -0.43 26.72
N LEU C 100 12.59 -0.76 26.51
CA LEU C 100 11.47 -0.03 27.07
C LEU C 100 11.50 0.07 28.61
N LYS C 101 12.11 -0.95 29.27
CA LYS C 101 12.26 -0.98 30.72
C LYS C 101 13.25 0.11 31.17
N ASP C 102 14.32 0.32 30.38
CA ASP C 102 15.33 1.34 30.64
C ASP C 102 14.80 2.73 30.33
N GLU C 103 14.01 2.88 29.27
CA GLU C 103 13.47 4.19 28.92
C GLU C 103 12.44 4.68 29.94
N LEU C 104 11.64 3.75 30.50
CA LEU C 104 10.68 4.08 31.55
C LEU C 104 11.42 4.62 32.80
N ILE C 105 12.65 4.11 33.07
CA ILE C 105 13.50 4.57 34.17
C ILE C 105 13.93 6.02 33.94
N ASN C 106 14.42 6.33 32.75
CA ASN C 106 14.88 7.68 32.37
C ASN C 106 13.76 8.70 32.37
N ILE C 107 12.58 8.37 31.80
CA ILE C 107 11.47 9.32 31.74
C ILE C 107 10.99 9.73 33.14
N LYS C 108 11.05 8.81 34.12
CA LYS C 108 10.65 9.12 35.48
C LYS C 108 11.62 10.15 36.08
N GLN C 109 12.93 10.00 35.82
CA GLN C 109 13.96 10.91 36.32
C GLN C 109 13.96 12.26 35.60
N ILE C 110 13.57 12.29 34.34
CA ILE C 110 13.50 13.54 33.58
C ILE C 110 12.27 14.35 34.03
N LEU C 111 11.13 13.66 34.25
CA LEU C 111 9.90 14.28 34.71
C LEU C 111 10.04 14.82 36.13
N GLU C 112 10.78 14.11 37.00
CA GLU C 112 10.98 14.53 38.38
C GLU C 112 11.96 15.71 38.49
N ALA C 113 12.99 15.75 37.62
CA ALA C 113 13.94 16.86 37.59
C ALA C 113 13.25 18.15 37.11
N ALA C 114 12.27 18.02 36.20
CA ALA C 114 11.48 19.15 35.68
C ALA C 114 10.25 19.50 36.57
N ASP C 115 10.14 18.88 37.75
CA ASP C 115 9.09 19.04 38.77
C ASP C 115 7.67 18.75 38.26
N ILE C 116 7.51 17.65 37.54
CA ILE C 116 6.22 17.21 37.03
C ILE C 116 5.95 15.82 37.61
N MET C 117 4.81 15.65 38.29
CA MET C 117 4.45 14.39 38.93
C MET C 117 4.25 13.29 37.90
N PHE C 118 4.86 12.13 38.13
CA PHE C 118 4.78 11.00 37.23
C PHE C 118 3.73 10.00 37.71
N ILE C 119 2.68 9.79 36.92
CA ILE C 119 1.63 8.85 37.28
C ILE C 119 1.78 7.56 36.47
N TYR C 120 2.01 6.43 37.15
CA TYR C 120 2.20 5.13 36.51
C TYR C 120 1.70 3.97 37.39
N GLU C 121 0.64 3.28 36.94
CA GLU C 121 0.11 2.11 37.64
C GLU C 121 0.60 0.89 36.84
N GLU C 122 1.65 0.25 37.34
CA GLU C 122 2.31 -0.89 36.71
C GLU C 122 1.41 -2.09 36.47
N GLU C 123 1.40 -2.58 35.22
CA GLU C 123 0.64 -3.75 34.81
C GLU C 123 1.58 -4.78 34.13
N LYS C 124 1.03 -5.88 33.54
CA LYS C 124 1.85 -6.88 32.87
C LYS C 124 2.61 -6.24 31.69
N TRP C 125 3.93 -6.47 31.66
CA TRP C 125 4.84 -5.91 30.66
C TRP C 125 4.63 -6.54 29.27
N PRO C 126 4.72 -5.73 28.19
CA PRO C 126 4.55 -6.29 26.85
C PRO C 126 5.55 -7.43 26.57
N GLU C 127 5.05 -8.55 26.04
CA GLU C 127 5.91 -9.70 25.79
C GLU C 127 5.92 -10.18 24.32
N ASN C 128 4.93 -9.76 23.50
CA ASN C 128 4.89 -10.25 22.12
C ASN C 128 5.27 -9.22 21.04
N ILE C 129 6.22 -8.30 21.33
CA ILE C 129 6.72 -7.38 20.31
C ILE C 129 8.18 -7.64 20.01
N SER C 130 8.58 -7.36 18.76
CA SER C 130 9.96 -7.54 18.32
C SER C 130 10.89 -6.53 19.00
N LEU C 131 12.20 -6.81 18.99
CA LEU C 131 13.18 -5.90 19.58
C LEU C 131 13.18 -4.56 18.86
N LEU C 132 13.06 -4.59 17.53
CA LEU C 132 13.00 -3.40 16.69
C LEU C 132 11.76 -2.55 17.03
N ASN C 133 10.59 -3.19 17.15
CA ASN C 133 9.36 -2.47 17.50
C ASN C 133 9.43 -1.88 18.89
N GLU C 134 10.05 -2.59 19.85
CA GLU C 134 10.25 -2.12 21.23
C GLU C 134 11.17 -0.88 21.25
N ASN C 135 12.20 -0.88 20.38
CA ASN C 135 13.13 0.23 20.27
C ASN C 135 12.44 1.48 19.78
N ILE C 136 11.56 1.34 18.79
CA ILE C 136 10.76 2.43 18.24
C ILE C 136 9.89 3.05 19.33
N LEU C 137 9.20 2.20 20.13
CA LEU C 137 8.36 2.64 21.25
C LEU C 137 9.13 3.41 22.30
N SER C 138 10.40 3.07 22.49
CA SER C 138 11.23 3.76 23.46
C SER C 138 11.53 5.16 22.95
N MET C 139 11.90 5.29 21.68
CA MET C 139 12.18 6.59 21.06
C MET C 139 10.94 7.50 21.10
N CYS C 140 9.75 6.90 20.96
CA CYS C 140 8.47 7.59 20.98
C CYS C 140 8.10 8.03 22.37
N LEU C 141 8.31 7.16 23.37
CA LEU C 141 8.04 7.51 24.76
C LEU C 141 9.01 8.59 25.24
N LYS C 142 10.27 8.54 24.77
CA LYS C 142 11.28 9.53 25.14
C LYS C 142 10.92 10.89 24.55
N GLU C 143 10.46 10.91 23.30
CA GLU C 143 10.09 12.17 22.67
C GLU C 143 8.81 12.75 23.29
N ALA C 144 7.87 11.88 23.67
CA ALA C 144 6.62 12.32 24.29
C ALA C 144 6.88 13.09 25.59
N VAL C 145 7.72 12.55 26.51
CA VAL C 145 8.02 13.27 27.75
C VAL C 145 8.92 14.49 27.53
N THR C 146 9.74 14.50 26.47
CA THR C 146 10.57 15.66 26.13
C THR C 146 9.64 16.83 25.73
N ASN C 147 8.59 16.53 24.96
CA ASN C 147 7.58 17.51 24.54
C ASN C 147 6.78 18.01 25.74
N VAL C 148 6.56 17.17 26.78
CA VAL C 148 5.81 17.61 27.94
C VAL C 148 6.69 18.45 28.88
N VAL C 149 8.02 18.23 28.93
CA VAL C 149 8.88 19.05 29.81
C VAL C 149 9.11 20.42 29.20
N LYS C 150 9.24 20.51 27.87
CA LYS C 150 9.53 21.78 27.22
C LYS C 150 8.33 22.67 26.91
N HIS C 151 7.18 22.10 26.55
CA HIS C 151 6.04 22.92 26.10
C HIS C 151 4.74 22.84 26.92
N SER C 152 4.38 21.66 27.46
CA SER C 152 3.10 21.47 28.15
C SER C 152 2.78 22.46 29.29
N GLN C 153 3.75 22.71 30.19
CA GLN C 153 3.54 23.53 31.39
C GLN C 153 2.49 22.82 32.28
N ALA C 154 2.68 21.49 32.45
CA ALA C 154 1.79 20.60 33.19
C ALA C 154 2.28 20.31 34.60
N LYS C 155 1.34 20.00 35.51
CA LYS C 155 1.66 19.64 36.88
C LYS C 155 1.99 18.14 36.95
N THR C 156 1.20 17.30 36.23
CA THR C 156 1.33 15.85 36.22
C THR C 156 1.39 15.28 34.79
N CYS C 157 1.92 14.06 34.67
CA CYS C 157 2.06 13.34 33.43
C CYS C 157 1.78 11.86 33.69
N ARG C 158 0.66 11.34 33.15
CA ARG C 158 0.30 9.93 33.31
C ARG C 158 0.74 9.07 32.12
N VAL C 159 1.63 8.11 32.39
CA VAL C 159 2.10 7.19 31.36
C VAL C 159 1.49 5.80 31.56
N ASP C 160 0.99 5.21 30.47
CA ASP C 160 0.42 3.86 30.47
C ASP C 160 1.11 3.04 29.38
N ILE C 161 1.50 1.82 29.72
CA ILE C 161 2.12 0.88 28.79
C ILE C 161 1.24 -0.36 28.87
N GLN C 162 0.47 -0.65 27.82
CA GLN C 162 -0.46 -1.78 27.85
C GLN C 162 -0.20 -2.83 26.78
N GLN C 163 -0.33 -4.11 27.16
CA GLN C 163 -0.19 -5.20 26.21
C GLN C 163 -1.60 -5.71 25.89
N LEU C 164 -2.11 -5.38 24.71
CA LEU C 164 -3.44 -5.75 24.25
C LEU C 164 -3.38 -7.03 23.37
N TRP C 165 -4.56 -7.53 22.93
CA TRP C 165 -4.73 -8.73 22.10
C TRP C 165 -3.85 -8.74 20.83
N LYS C 166 -3.81 -7.64 20.07
CA LYS C 166 -3.01 -7.60 18.84
C LYS C 166 -2.00 -6.48 18.81
N GLU C 167 -1.80 -5.74 19.91
CA GLU C 167 -0.88 -4.61 19.90
C GLU C 167 -0.42 -4.15 21.28
N VAL C 168 0.60 -3.31 21.32
CA VAL C 168 1.12 -2.71 22.53
C VAL C 168 0.81 -1.22 22.43
N VAL C 169 0.09 -0.65 23.41
CA VAL C 169 -0.27 0.75 23.36
C VAL C 169 0.37 1.54 24.45
N ILE C 170 1.03 2.66 24.13
CA ILE C 170 1.60 3.55 25.13
C ILE C 170 0.84 4.88 25.10
N THR C 171 0.18 5.22 26.20
CA THR C 171 -0.53 6.51 26.29
C THR C 171 0.29 7.46 27.18
N VAL C 172 0.49 8.71 26.75
CA VAL C 172 1.24 9.71 27.52
C VAL C 172 0.38 10.97 27.61
N SER C 173 -0.21 11.24 28.77
CA SER C 173 -1.06 12.42 28.93
C SER C 173 -0.57 13.42 29.96
N ASP C 174 -0.59 14.70 29.61
CA ASP C 174 -0.19 15.76 30.52
C ASP C 174 -1.36 16.73 30.75
N ASP C 175 -1.39 17.40 31.92
CA ASP C 175 -2.47 18.32 32.23
C ASP C 175 -2.10 19.78 31.98
N GLY C 176 -1.34 20.02 30.92
CA GLY C 176 -0.93 21.38 30.55
C GLY C 176 -1.80 21.90 29.42
N THR C 177 -1.21 22.70 28.52
CA THR C 177 -1.94 23.23 27.36
C THR C 177 -1.13 22.98 26.08
N PHE C 178 -1.79 22.55 25.00
CA PHE C 178 -1.11 22.28 23.73
C PHE C 178 -0.68 23.57 23.03
N LYS C 179 0.64 23.80 22.92
CA LYS C 179 1.20 25.03 22.36
C LYS C 179 1.35 25.06 20.82
N GLY C 180 0.98 23.98 20.14
CA GLY C 180 1.08 23.91 18.69
C GLY C 180 0.14 24.84 17.95
N PHE C 185 3.06 19.34 13.03
CA PHE C 185 3.86 18.30 12.37
C PHE C 185 4.76 18.91 11.32
N SER C 186 5.77 19.65 11.78
CA SER C 186 6.73 20.30 10.88
C SER C 186 7.89 19.35 10.50
N LYS C 187 8.60 19.66 9.39
CA LYS C 187 9.71 18.85 8.89
C LYS C 187 10.89 18.75 9.87
N GLY C 188 11.36 17.52 10.07
CA GLY C 188 12.47 17.22 10.97
C GLY C 188 12.15 17.36 12.44
N HIS C 189 10.87 17.41 12.78
CA HIS C 189 10.43 17.55 14.16
C HIS C 189 10.11 16.20 14.81
N GLY C 190 9.99 16.20 16.13
CA GLY C 190 9.73 15.00 16.91
C GLY C 190 8.42 14.31 16.60
N LEU C 191 7.34 15.07 16.49
CA LEU C 191 6.03 14.49 16.23
C LEU C 191 5.93 13.82 14.87
N LEU C 192 6.46 14.48 13.83
CA LEU C 192 6.48 13.93 12.47
C LEU C 192 7.33 12.65 12.40
N GLY C 193 8.49 12.66 13.06
CA GLY C 193 9.41 11.54 13.12
C GLY C 193 8.89 10.37 13.95
N MET C 194 8.02 10.66 14.90
CA MET C 194 7.38 9.64 15.72
C MET C 194 6.34 8.96 14.85
N ARG C 195 5.51 9.76 14.15
CA ARG C 195 4.48 9.29 13.25
C ARG C 195 5.08 8.44 12.14
N GLU C 196 6.23 8.85 11.57
CA GLU C 196 6.91 8.10 10.52
C GLU C 196 7.40 6.72 10.97
N ARG C 197 8.08 6.65 12.14
CA ARG C 197 8.60 5.37 12.67
C ARG C 197 7.45 4.44 13.03
N LEU C 198 6.41 4.96 13.69
CA LEU C 198 5.24 4.18 14.08
C LEU C 198 4.51 3.64 12.87
N GLU C 199 4.38 4.46 11.81
CA GLU C 199 3.70 4.01 10.61
C GLU C 199 4.54 3.00 9.81
N PHE C 200 5.87 3.08 9.89
CA PHE C 200 6.73 2.11 9.20
C PHE C 200 6.54 0.70 9.84
N ALA C 201 6.36 0.67 11.17
CA ALA C 201 6.12 -0.50 11.98
C ALA C 201 4.67 -1.01 11.90
N ASN C 202 3.78 -0.34 11.13
CA ASN C 202 2.35 -0.63 11.00
C ASN C 202 1.54 -0.29 12.28
N GLY C 203 2.07 0.62 13.08
CA GLY C 203 1.39 1.13 14.26
C GLY C 203 0.74 2.46 13.95
N SER C 204 0.47 3.26 14.99
CA SER C 204 -0.20 4.54 14.80
C SER C 204 0.04 5.54 15.94
N LEU C 205 -0.24 6.83 15.66
CA LEU C 205 -0.17 7.94 16.59
C LEU C 205 -1.46 8.77 16.50
N HIS C 206 -2.09 9.02 17.64
CA HIS C 206 -3.32 9.81 17.73
C HIS C 206 -3.09 10.82 18.84
N ILE C 207 -3.38 12.11 18.58
CA ILE C 207 -3.19 13.16 19.59
C ILE C 207 -4.51 13.78 19.98
N ASP C 208 -4.88 13.73 21.27
CA ASP C 208 -6.11 14.38 21.72
C ASP C 208 -5.73 15.58 22.57
N THR C 209 -5.91 16.76 21.99
CA THR C 209 -5.59 18.00 22.68
C THR C 209 -6.77 18.54 23.54
N GLU C 210 -7.89 17.79 23.64
CA GLU C 210 -9.01 18.17 24.50
C GLU C 210 -8.67 17.71 25.91
N ASN C 211 -8.81 18.60 26.91
CA ASN C 211 -8.50 18.28 28.30
C ASN C 211 -6.96 18.03 28.49
N GLY C 212 -6.13 18.88 27.87
CA GLY C 212 -4.68 18.77 27.93
C GLY C 212 -4.05 18.26 26.65
N THR C 213 -3.22 17.22 26.73
CA THR C 213 -2.60 16.60 25.54
C THR C 213 -2.45 15.10 25.83
N LYS C 214 -3.00 14.25 24.96
CA LYS C 214 -2.97 12.81 25.13
C LYS C 214 -2.44 12.13 23.87
N LEU C 215 -1.20 11.64 23.94
CA LEU C 215 -0.59 10.95 22.80
C LEU C 215 -0.82 9.46 22.93
N THR C 216 -1.34 8.83 21.88
CA THR C 216 -1.58 7.39 21.91
C THR C 216 -0.75 6.72 20.84
N MET C 217 0.33 6.06 21.27
CA MET C 217 1.25 5.37 20.37
C MET C 217 1.02 3.88 20.38
N ALA C 218 0.52 3.32 19.28
CA ALA C 218 0.27 1.89 19.20
C ALA C 218 1.26 1.20 18.25
N ILE C 219 1.65 -0.06 18.55
CA ILE C 219 2.53 -0.83 17.69
C ILE C 219 2.09 -2.32 17.70
N PRO C 220 2.07 -3.02 16.55
CA PRO C 220 1.55 -4.40 16.54
C PRO C 220 2.43 -5.51 17.17
N ASN C 221 1.78 -6.63 17.51
CA ASN C 221 2.44 -7.83 18.04
C ASN C 221 2.99 -8.71 16.89
N ASN C 222 3.82 -9.70 17.19
CA ASN C 222 4.40 -10.61 16.19
C ASN C 222 3.47 -11.79 15.79
N SER C 223 4.01 -12.81 15.08
CA SER C 223 3.35 -14.03 14.61
C SER C 223 2.33 -13.75 13.50
N GLY D 3 49.54 -37.41 41.36
CA GLY D 3 50.45 -36.54 40.64
C GLY D 3 50.23 -36.62 39.15
N ILE D 4 51.09 -37.38 38.44
CA ILE D 4 50.94 -37.55 36.99
C ILE D 4 49.55 -38.10 36.58
N ILE D 5 48.86 -38.73 37.51
CA ILE D 5 47.53 -39.29 37.33
C ILE D 5 46.45 -38.19 37.39
N LYS D 6 46.61 -37.27 38.40
CA LYS D 6 45.74 -36.12 38.71
C LYS D 6 45.87 -35.07 37.62
N LEU D 7 47.11 -34.77 37.21
CA LEU D 7 47.46 -33.80 36.17
C LEU D 7 47.03 -34.29 34.78
N ARG D 8 47.08 -35.62 34.55
CA ARG D 8 46.62 -36.17 33.29
C ARG D 8 45.10 -36.04 33.23
N LYS D 9 44.38 -36.28 34.35
CA LYS D 9 42.94 -36.14 34.43
C LYS D 9 42.52 -34.66 34.23
N GLU D 10 43.32 -33.73 34.80
CA GLU D 10 43.13 -32.28 34.71
C GLU D 10 43.41 -31.76 33.29
N ILE D 11 44.40 -32.35 32.59
CA ILE D 11 44.70 -31.97 31.19
C ILE D 11 43.55 -32.42 30.28
N GLU D 12 42.99 -33.61 30.55
CA GLU D 12 41.87 -34.16 29.80
C GLU D 12 40.56 -33.38 30.03
N ARG D 13 40.38 -32.74 31.21
CA ARG D 13 39.19 -31.91 31.44
C ARG D 13 39.36 -30.54 30.72
N LEU D 14 40.60 -30.00 30.68
CA LEU D 14 40.89 -28.76 29.96
C LEU D 14 40.74 -28.97 28.45
N GLU D 15 41.00 -30.19 27.94
CA GLU D 15 40.86 -30.46 26.50
C GLU D 15 39.41 -30.56 26.07
N GLU D 16 38.52 -31.11 26.94
CA GLU D 16 37.09 -31.17 26.63
C GLU D 16 36.41 -29.80 26.86
N LYS D 17 36.90 -29.01 27.85
CA LYS D 17 36.38 -27.66 28.08
C LYS D 17 36.79 -26.71 26.93
N LEU D 18 37.98 -26.94 26.32
CA LEU D 18 38.50 -26.16 25.19
C LEU D 18 37.86 -26.63 23.89
N GLU D 19 37.65 -27.94 23.73
CA GLU D 19 37.01 -28.48 22.52
C GLU D 19 35.59 -27.94 22.42
N ASP D 20 34.87 -27.88 23.56
CA ASP D 20 33.51 -27.36 23.66
C ASP D 20 33.47 -25.87 23.28
N ALA D 21 34.44 -25.07 23.79
CA ALA D 21 34.55 -23.64 23.49
C ALA D 21 34.90 -23.42 22.01
N ASN D 22 35.70 -24.31 21.41
CA ASN D 22 36.06 -24.24 20.00
C ASN D 22 34.86 -24.61 19.12
N GLU D 23 34.06 -25.59 19.55
CA GLU D 23 32.85 -26.00 18.85
C GLU D 23 31.80 -24.87 18.95
N ARG D 24 31.73 -24.15 20.09
CA ARG D 24 30.82 -23.02 20.31
C ARG D 24 31.26 -21.76 19.52
N ILE D 25 32.56 -21.63 19.26
CA ILE D 25 33.12 -20.55 18.46
C ILE D 25 32.78 -20.80 16.99
N ALA D 26 32.80 -22.08 16.53
CA ALA D 26 32.46 -22.42 15.15
C ALA D 26 30.99 -22.16 14.84
N GLU D 27 30.10 -22.15 15.85
CA GLU D 27 28.69 -21.83 15.66
C GLU D 27 28.56 -20.32 15.51
N LEU D 28 29.20 -19.56 16.42
CA LEU D 28 29.15 -18.10 16.41
C LEU D 28 29.97 -17.45 15.30
N VAL D 29 30.86 -18.20 14.64
CA VAL D 29 31.65 -17.65 13.53
C VAL D 29 30.79 -17.57 12.23
N LYS D 30 29.65 -18.31 12.17
CA LYS D 30 28.71 -18.30 11.07
C LYS D 30 27.99 -16.96 11.02
N LEU D 31 27.71 -16.35 12.19
CA LEU D 31 27.07 -15.03 12.28
C LEU D 31 27.98 -13.89 11.85
N GLU D 32 29.29 -14.10 11.86
CA GLU D 32 30.28 -13.11 11.47
C GLU D 32 30.26 -12.96 9.96
N GLU D 33 30.22 -14.09 9.22
CA GLU D 33 30.17 -14.05 7.76
C GLU D 33 28.81 -13.60 7.25
N ARG D 34 27.74 -13.90 8.00
CA ARG D 34 26.38 -13.47 7.66
C ARG D 34 26.20 -11.99 7.85
N GLN D 35 26.95 -11.39 8.79
CA GLN D 35 26.93 -9.95 9.03
C GLN D 35 27.67 -9.20 7.91
N ARG D 36 28.67 -9.84 7.28
CA ARG D 36 29.42 -9.29 6.17
C ARG D 36 28.50 -9.19 4.94
N ILE D 37 27.66 -10.23 4.68
CA ILE D 37 26.75 -10.19 3.54
C ILE D 37 25.52 -9.33 3.82
N ALA D 38 25.08 -9.23 5.09
CA ALA D 38 23.94 -8.40 5.44
C ALA D 38 24.33 -6.93 5.29
N ARG D 39 25.58 -6.56 5.63
CA ARG D 39 26.01 -5.18 5.48
C ARG D 39 26.22 -4.83 3.99
N ASP D 40 26.54 -5.81 3.15
CA ASP D 40 26.64 -5.61 1.69
C ASP D 40 25.21 -5.38 1.14
N LEU D 41 24.23 -6.15 1.65
CA LEU D 41 22.83 -6.06 1.24
C LEU D 41 22.28 -4.69 1.61
N HIS D 42 22.52 -4.24 2.85
CA HIS D 42 22.05 -2.94 3.31
C HIS D 42 22.62 -1.81 2.49
N ASP D 43 23.86 -1.96 2.01
CA ASP D 43 24.47 -0.94 1.19
C ASP D 43 23.78 -0.82 -0.17
N THR D 44 23.47 -1.98 -0.80
CA THR D 44 22.81 -1.95 -2.11
C THR D 44 21.32 -1.58 -1.96
N LEU D 45 20.67 -1.97 -0.86
CA LEU D 45 19.30 -1.56 -0.62
C LEU D 45 19.18 -0.05 -0.47
N GLY D 46 20.23 0.60 0.05
CA GLY D 46 20.28 2.05 0.17
C GLY D 46 20.24 2.70 -1.20
N GLN D 47 21.00 2.15 -2.14
CA GLN D 47 21.04 2.61 -3.54
C GLN D 47 19.69 2.36 -4.22
N LYS D 48 19.08 1.17 -3.96
CA LYS D 48 17.80 0.81 -4.57
C LYS D 48 16.66 1.64 -4.04
N LEU D 49 16.62 1.86 -2.72
CA LEU D 49 15.59 2.71 -2.14
C LEU D 49 15.71 4.15 -2.63
N SER D 50 16.95 4.66 -2.82
CA SER D 50 17.14 6.01 -3.35
C SER D 50 16.60 6.07 -4.79
N LEU D 51 16.88 5.04 -5.57
CA LEU D 51 16.43 4.95 -6.95
C LEU D 51 14.90 4.90 -7.03
N ILE D 52 14.23 4.05 -6.21
CA ILE D 52 12.78 3.95 -6.17
C ILE D 52 12.14 5.30 -5.91
N GLY D 53 12.68 6.04 -4.93
CA GLY D 53 12.17 7.36 -4.59
C GLY D 53 12.32 8.37 -5.70
N LEU D 54 13.51 8.44 -6.29
CA LEU D 54 13.76 9.39 -7.37
C LEU D 54 12.94 9.07 -8.62
N LYS D 55 12.80 7.78 -8.94
CA LYS D 55 12.03 7.38 -10.13
C LYS D 55 10.54 7.60 -9.91
N SER D 56 10.05 7.50 -8.66
CA SER D 56 8.65 7.77 -8.35
C SER D 56 8.38 9.26 -8.48
N ASP D 57 9.31 10.09 -7.96
CA ASP D 57 9.26 11.55 -8.05
C ASP D 57 9.15 11.97 -9.55
N LEU D 58 9.99 11.38 -10.40
CA LEU D 58 9.96 11.64 -11.82
C LEU D 58 8.65 11.17 -12.49
N ALA D 59 8.21 9.92 -12.22
CA ALA D 59 6.97 9.42 -12.81
C ALA D 59 5.77 10.26 -12.40
N ARG D 60 5.78 10.78 -11.17
CA ARG D 60 4.69 11.62 -10.68
C ARG D 60 4.66 12.93 -11.46
N LYS D 61 5.83 13.53 -11.68
CA LYS D 61 5.94 14.77 -12.46
C LYS D 61 5.52 14.56 -13.94
N LEU D 62 5.68 13.34 -14.47
CA LEU D 62 5.34 13.06 -15.86
C LEU D 62 3.92 12.64 -16.10
N ILE D 63 3.10 12.39 -15.08
CA ILE D 63 1.72 11.91 -15.26
C ILE D 63 0.92 12.70 -16.31
N TYR D 64 1.11 14.01 -16.35
CA TYR D 64 0.41 14.87 -17.30
C TYR D 64 1.26 15.21 -18.52
N LYS D 65 2.56 15.53 -18.31
CA LYS D 65 3.49 15.90 -19.39
C LYS D 65 3.76 14.78 -20.39
N ASP D 66 3.97 13.53 -19.92
CA ASP D 66 4.26 12.36 -20.77
C ASP D 66 3.80 11.09 -20.04
N PRO D 67 2.50 10.76 -20.09
CA PRO D 67 2.00 9.58 -19.38
C PRO D 67 2.63 8.25 -19.78
N GLU D 68 3.15 8.13 -21.02
CA GLU D 68 3.77 6.88 -21.46
C GLU D 68 5.13 6.69 -20.81
N GLN D 69 5.87 7.80 -20.60
CA GLN D 69 7.16 7.75 -19.95
C GLN D 69 6.96 7.47 -18.45
N ALA D 70 5.92 8.05 -17.84
CA ALA D 70 5.58 7.80 -16.44
C ALA D 70 5.31 6.31 -16.22
N ALA D 71 4.57 5.66 -17.14
CA ALA D 71 4.27 4.23 -17.07
C ALA D 71 5.52 3.39 -17.22
N ARG D 72 6.46 3.84 -18.06
CA ARG D 72 7.74 3.17 -18.27
C ARG D 72 8.57 3.25 -17.01
N GLU D 73 8.60 4.40 -16.34
CA GLU D 73 9.33 4.55 -15.07
C GLU D 73 8.70 3.69 -13.99
N LEU D 74 7.36 3.57 -13.96
CA LEU D 74 6.70 2.75 -12.94
C LEU D 74 6.88 1.30 -13.16
N LYS D 75 7.07 0.82 -14.40
CA LYS D 75 7.38 -0.59 -14.64
C LYS D 75 8.76 -0.89 -14.06
N SER D 76 9.70 0.06 -14.22
CA SER D 76 11.05 -0.01 -13.71
C SER D 76 11.09 0.06 -12.16
N VAL D 77 10.22 0.87 -11.53
CA VAL D 77 10.15 0.93 -10.07
C VAL D 77 9.68 -0.43 -9.54
N GLN D 78 8.64 -0.98 -10.16
CA GLN D 78 8.09 -2.26 -9.78
C GLN D 78 9.09 -3.39 -9.87
N GLN D 79 9.96 -3.35 -10.88
CA GLN D 79 11.01 -4.33 -11.11
C GLN D 79 12.08 -4.20 -10.06
N THR D 80 12.52 -2.98 -9.73
CA THR D 80 13.53 -2.77 -8.68
C THR D 80 13.05 -3.28 -7.32
N ALA D 81 11.77 -3.04 -7.00
CA ALA D 81 11.23 -3.48 -5.73
C ALA D 81 11.08 -5.00 -5.70
N ARG D 82 10.65 -5.58 -6.82
CA ARG D 82 10.42 -7.01 -6.91
C ARG D 82 11.75 -7.78 -6.86
N THR D 83 12.78 -7.26 -7.54
CA THR D 83 14.10 -7.89 -7.55
C THR D 83 14.90 -7.64 -6.32
N SER D 84 14.76 -6.48 -5.67
CA SER D 84 15.47 -6.25 -4.41
C SER D 84 14.82 -7.12 -3.31
N LEU D 85 13.50 -7.34 -3.34
CA LEU D 85 12.86 -8.24 -2.41
C LEU D 85 13.35 -9.70 -2.65
N ASN D 86 13.64 -10.08 -3.91
CA ASN D 86 14.19 -11.41 -4.19
C ASN D 86 15.55 -11.59 -3.52
N GLU D 87 16.36 -10.52 -3.41
CA GLU D 87 17.66 -10.61 -2.76
C GLU D 87 17.52 -10.68 -1.25
N VAL D 88 16.51 -10.01 -0.68
CA VAL D 88 16.22 -10.07 0.74
C VAL D 88 15.78 -11.50 1.10
N ARG D 89 14.94 -12.11 0.26
CA ARG D 89 14.50 -13.48 0.42
C ARG D 89 15.68 -14.45 0.45
N LYS D 90 16.69 -14.22 -0.43
CA LYS D 90 17.90 -15.05 -0.56
C LYS D 90 18.72 -15.06 0.72
N ILE D 91 18.77 -13.94 1.45
CA ILE D 91 19.54 -13.89 2.68
C ILE D 91 18.68 -14.29 3.91
N VAL D 92 17.35 -14.12 3.83
CA VAL D 92 16.46 -14.60 4.88
C VAL D 92 16.44 -16.17 4.85
N SER D 93 16.59 -16.78 3.65
CA SER D 93 16.63 -18.25 3.49
C SER D 93 17.99 -18.87 3.87
N SER D 94 19.02 -18.02 4.06
CA SER D 94 20.37 -18.42 4.41
C SER D 94 21.00 -19.39 3.37
N MET D 95 20.62 -19.24 2.10
CA MET D 95 21.14 -20.05 0.99
C MET D 95 22.67 -19.85 0.90
N LYS D 96 23.43 -20.94 0.68
CA LYS D 96 24.88 -20.88 0.63
C LYS D 96 25.45 -20.15 -0.58
N GLY D 97 26.25 -19.14 -0.32
CA GLY D 97 26.92 -18.37 -1.35
C GLY D 97 28.25 -19.01 -1.67
N ILE D 98 28.42 -19.37 -2.95
CA ILE D 98 29.62 -20.04 -3.44
C ILE D 98 30.75 -19.06 -3.75
N ARG D 99 31.99 -19.43 -3.37
CA ARG D 99 33.16 -18.63 -3.65
C ARG D 99 33.55 -18.88 -5.07
N LEU D 100 33.97 -17.82 -5.79
CA LEU D 100 34.32 -17.90 -7.20
C LEU D 100 35.44 -18.91 -7.49
N LYS D 101 36.34 -19.14 -6.50
CA LYS D 101 37.43 -20.12 -6.61
C LYS D 101 36.87 -21.54 -6.65
N ASP D 102 35.81 -21.79 -5.84
CA ASP D 102 35.13 -23.07 -5.76
C ASP D 102 34.27 -23.32 -6.99
N GLU D 103 33.59 -22.27 -7.50
CA GLU D 103 32.75 -22.42 -8.68
C GLU D 103 33.56 -22.71 -9.94
N LEU D 104 34.74 -22.10 -10.05
CA LEU D 104 35.64 -22.35 -11.17
C LEU D 104 36.08 -23.84 -11.19
N ILE D 105 36.22 -24.47 -9.99
CA ILE D 105 36.55 -25.88 -9.84
C ILE D 105 35.42 -26.76 -10.40
N ASN D 106 34.17 -26.47 -10.00
CA ASN D 106 32.99 -27.21 -10.44
C ASN D 106 32.73 -27.08 -11.94
N ILE D 107 32.82 -25.87 -12.51
CA ILE D 107 32.58 -25.68 -13.94
C ILE D 107 33.55 -26.47 -14.81
N LYS D 108 34.80 -26.63 -14.36
CA LYS D 108 35.80 -27.41 -15.09
C LYS D 108 35.38 -28.89 -15.13
N GLN D 109 34.87 -29.41 -14.00
CA GLN D 109 34.42 -30.79 -13.90
C GLN D 109 33.11 -31.06 -14.63
N ILE D 110 32.23 -30.07 -14.70
CA ILE D 110 30.95 -30.21 -15.40
C ILE D 110 31.19 -30.19 -16.92
N LEU D 111 32.09 -29.29 -17.38
CA LEU D 111 32.46 -29.16 -18.79
C LEU D 111 33.19 -30.41 -19.28
N GLU D 112 34.05 -31.02 -18.43
CA GLU D 112 34.80 -32.22 -18.81
C GLU D 112 33.92 -33.46 -18.84
N ALA D 113 32.94 -33.55 -17.94
CA ALA D 113 32.00 -34.67 -17.93
C ALA D 113 31.10 -34.65 -19.18
N ALA D 114 30.76 -33.43 -19.68
CA ALA D 114 29.95 -33.24 -20.88
C ALA D 114 30.79 -33.21 -22.18
N ASP D 115 32.10 -33.57 -22.09
CA ASP D 115 33.08 -33.64 -23.17
C ASP D 115 33.28 -32.34 -23.95
N ILE D 116 33.42 -31.23 -23.22
CA ILE D 116 33.68 -29.92 -23.82
C ILE D 116 35.00 -29.41 -23.24
N MET D 117 35.96 -29.07 -24.10
CA MET D 117 37.27 -28.62 -23.67
C MET D 117 37.19 -27.31 -22.93
N PHE D 118 37.85 -27.21 -21.79
CA PHE D 118 37.84 -26.01 -20.98
C PHE D 118 39.09 -25.17 -21.20
N ILE D 119 38.92 -23.95 -21.71
CA ILE D 119 40.05 -23.06 -21.96
C ILE D 119 40.12 -21.98 -20.88
N TYR D 120 41.22 -21.94 -20.12
CA TYR D 120 41.40 -20.98 -19.04
C TYR D 120 42.87 -20.62 -18.84
N GLU D 121 43.22 -19.36 -19.11
CA GLU D 121 44.58 -18.84 -18.89
C GLU D 121 44.51 -18.03 -17.60
N GLU D 122 44.95 -18.62 -16.49
CA GLU D 122 44.93 -18.04 -15.16
C GLU D 122 45.70 -16.73 -15.03
N GLU D 123 45.02 -15.70 -14.50
CA GLU D 123 45.61 -14.39 -14.25
C GLU D 123 45.38 -13.98 -12.76
N LYS D 124 45.72 -12.72 -12.38
CA LYS D 124 45.54 -12.25 -11.01
C LYS D 124 44.05 -12.30 -10.63
N TRP D 125 43.76 -12.94 -9.50
CA TRP D 125 42.41 -13.13 -8.98
C TRP D 125 41.76 -11.83 -8.52
N PRO D 126 40.46 -11.63 -8.80
CA PRO D 126 39.79 -10.41 -8.33
C PRO D 126 39.90 -10.22 -6.81
N GLU D 127 40.27 -9.00 -6.37
CA GLU D 127 40.46 -8.73 -4.95
C GLU D 127 39.63 -7.56 -4.41
N ASN D 128 39.06 -6.71 -5.30
CA ASN D 128 38.28 -5.56 -4.81
C ASN D 128 36.75 -5.68 -5.00
N ILE D 129 36.18 -6.89 -4.90
CA ILE D 129 34.72 -7.05 -4.92
C ILE D 129 34.19 -7.57 -3.61
N SER D 130 32.96 -7.19 -3.29
CA SER D 130 32.28 -7.63 -2.08
C SER D 130 31.96 -9.13 -2.13
N LEU D 131 31.72 -9.73 -0.97
CA LEU D 131 31.39 -11.16 -0.92
C LEU D 131 30.05 -11.43 -1.62
N LEU D 132 29.09 -10.50 -1.49
CA LEU D 132 27.78 -10.58 -2.13
C LEU D 132 27.94 -10.54 -3.64
N ASN D 133 28.76 -9.62 -4.16
CA ASN D 133 28.97 -9.50 -5.58
C ASN D 133 29.74 -10.70 -6.16
N GLU D 134 30.66 -11.26 -5.37
CA GLU D 134 31.38 -12.46 -5.77
C GLU D 134 30.41 -13.65 -5.86
N ASN D 135 29.44 -13.72 -4.93
CA ASN D 135 28.44 -14.80 -4.90
C ASN D 135 27.56 -14.75 -6.12
N ILE D 136 27.14 -13.54 -6.52
CA ILE D 136 26.31 -13.31 -7.69
C ILE D 136 27.08 -13.80 -8.95
N LEU D 137 28.38 -13.43 -9.06
CA LEU D 137 29.24 -13.85 -10.18
C LEU D 137 29.38 -15.36 -10.27
N SER D 138 29.34 -16.04 -9.14
CA SER D 138 29.45 -17.49 -9.11
C SER D 138 28.18 -18.09 -9.67
N MET D 139 27.01 -17.59 -9.24
CA MET D 139 25.72 -18.05 -9.74
C MET D 139 25.59 -17.83 -11.27
N CYS D 140 26.18 -16.72 -11.76
CA CYS D 140 26.20 -16.34 -13.17
C CYS D 140 27.12 -17.21 -13.96
N LEU D 141 28.32 -17.49 -13.44
CA LEU D 141 29.28 -18.38 -14.10
C LEU D 141 28.73 -19.81 -14.12
N LYS D 142 28.04 -20.23 -13.07
CA LYS D 142 27.46 -21.56 -13.00
C LYS D 142 26.34 -21.71 -14.01
N GLU D 143 25.50 -20.68 -14.15
CA GLU D 143 24.41 -20.74 -15.12
C GLU D 143 24.93 -20.68 -16.55
N ALA D 144 25.99 -19.89 -16.78
CA ALA D 144 26.60 -19.78 -18.11
C ALA D 144 27.07 -21.13 -18.61
N VAL D 145 27.82 -21.91 -17.80
CA VAL D 145 28.29 -23.24 -18.24
C VAL D 145 27.16 -24.28 -18.31
N THR D 146 26.11 -24.11 -17.50
CA THR D 146 24.93 -24.98 -17.54
C THR D 146 24.25 -24.79 -18.91
N ASN D 147 24.18 -23.54 -19.39
CA ASN D 147 23.61 -23.24 -20.71
C ASN D 147 24.49 -23.73 -21.82
N VAL D 148 25.81 -23.84 -21.62
CA VAL D 148 26.69 -24.34 -22.66
C VAL D 148 26.64 -25.89 -22.70
N VAL D 149 26.36 -26.58 -21.56
CA VAL D 149 26.28 -28.04 -21.62
C VAL D 149 24.93 -28.49 -22.22
N LYS D 150 23.86 -27.74 -21.94
CA LYS D 150 22.53 -28.13 -22.43
C LYS D 150 22.19 -27.65 -23.83
N HIS D 151 22.62 -26.44 -24.20
CA HIS D 151 22.17 -25.87 -25.48
C HIS D 151 23.22 -25.61 -26.57
N SER D 152 24.44 -25.21 -26.21
CA SER D 152 25.44 -24.79 -27.18
C SER D 152 25.82 -25.80 -28.27
N GLN D 153 26.09 -27.08 -27.90
CA GLN D 153 26.58 -28.11 -28.82
C GLN D 153 27.98 -27.65 -29.31
N ALA D 154 28.82 -27.20 -28.36
CA ALA D 154 30.15 -26.67 -28.60
C ALA D 154 31.24 -27.69 -28.31
N LYS D 155 32.40 -27.53 -28.98
CA LYS D 155 33.58 -28.38 -28.77
C LYS D 155 34.37 -27.85 -27.56
N THR D 156 34.53 -26.52 -27.46
CA THR D 156 35.31 -25.85 -26.44
C THR D 156 34.54 -24.71 -25.77
N CYS D 157 34.99 -24.33 -24.56
CA CYS D 157 34.42 -23.26 -23.76
C CYS D 157 35.55 -22.49 -23.10
N ARG D 158 35.76 -21.23 -23.50
CA ARG D 158 36.79 -20.39 -22.93
C ARG D 158 36.24 -19.46 -21.84
N VAL D 159 36.75 -19.64 -20.61
CA VAL D 159 36.34 -18.81 -19.49
C VAL D 159 37.45 -17.85 -19.11
N ASP D 160 37.11 -16.58 -18.91
CA ASP D 160 38.04 -15.54 -18.48
C ASP D 160 37.47 -14.84 -17.26
N ILE D 161 38.30 -14.65 -16.25
CA ILE D 161 37.93 -13.93 -15.04
C ILE D 161 38.97 -12.82 -14.93
N GLN D 162 38.56 -11.56 -15.13
CA GLN D 162 39.49 -10.44 -15.14
C GLN D 162 39.20 -9.39 -14.10
N GLN D 163 40.26 -8.89 -13.44
CA GLN D 163 40.12 -7.80 -12.49
C GLN D 163 40.59 -6.52 -13.18
N LEU D 164 39.65 -5.67 -13.55
CA LEU D 164 39.90 -4.40 -14.23
C LEU D 164 39.94 -3.24 -13.20
N TRP D 165 40.27 -2.02 -13.65
CA TRP D 165 40.37 -0.83 -12.80
C TRP D 165 39.13 -0.55 -11.93
N LYS D 166 37.93 -0.62 -12.52
CA LYS D 166 36.71 -0.34 -11.77
C LYS D 166 35.71 -1.50 -11.70
N GLU D 167 36.08 -2.69 -12.21
CA GLU D 167 35.14 -3.80 -12.23
C GLU D 167 35.80 -5.15 -12.44
N VAL D 168 35.04 -6.22 -12.20
CA VAL D 168 35.48 -7.60 -12.43
C VAL D 168 34.64 -8.12 -13.57
N VAL D 169 35.29 -8.60 -14.63
CA VAL D 169 34.55 -9.09 -15.79
C VAL D 169 34.77 -10.57 -15.99
N ILE D 170 33.69 -11.33 -16.14
CA ILE D 170 33.77 -12.75 -16.45
C ILE D 170 33.22 -12.97 -17.85
N THR D 171 34.07 -13.46 -18.77
CA THR D 171 33.62 -13.75 -20.13
C THR D 171 33.51 -15.29 -20.25
N VAL D 172 32.40 -15.78 -20.82
CA VAL D 172 32.19 -17.22 -21.01
C VAL D 172 31.81 -17.43 -22.47
N SER D 173 32.74 -17.95 -23.28
CA SER D 173 32.44 -18.15 -24.70
C SER D 173 32.50 -19.60 -25.14
N ASP D 174 31.48 -20.06 -25.86
CA ASP D 174 31.46 -21.40 -26.41
C ASP D 174 31.44 -21.32 -27.95
N ASP D 175 31.94 -22.35 -28.64
CA ASP D 175 31.99 -22.35 -30.09
C ASP D 175 30.83 -23.15 -30.70
N GLY D 176 29.67 -23.09 -30.08
CA GLY D 176 28.49 -23.78 -30.57
C GLY D 176 27.58 -22.83 -31.32
N THR D 177 26.26 -23.07 -31.25
CA THR D 177 25.28 -22.20 -31.89
C THR D 177 24.21 -21.78 -30.89
N PHE D 178 23.83 -20.49 -30.90
CA PHE D 178 22.82 -19.97 -29.99
C PHE D 178 21.42 -20.45 -30.41
N LYS D 179 20.79 -21.26 -29.53
CA LYS D 179 19.49 -21.87 -29.81
C LYS D 179 18.26 -21.00 -29.50
N GLY D 180 18.47 -19.80 -28.98
CA GLY D 180 17.37 -18.90 -28.65
C GLY D 180 16.61 -18.37 -29.85
N GLU D 181 15.49 -17.68 -29.60
CA GLU D 181 14.69 -17.10 -30.68
C GLU D 181 14.35 -15.62 -30.42
N PHE D 185 15.11 -14.54 -23.23
CA PHE D 185 14.96 -14.05 -21.86
C PHE D 185 13.52 -14.27 -21.39
N SER D 186 13.16 -15.54 -21.17
CA SER D 186 11.82 -15.89 -20.70
C SER D 186 11.70 -15.81 -19.16
N LYS D 187 10.46 -15.71 -18.65
CA LYS D 187 10.18 -15.58 -17.22
C LYS D 187 10.63 -16.80 -16.39
N GLY D 188 11.32 -16.54 -15.30
CA GLY D 188 11.83 -17.58 -14.40
C GLY D 188 13.02 -18.36 -14.95
N HIS D 189 13.64 -17.86 -16.03
CA HIS D 189 14.76 -18.54 -16.65
C HIS D 189 16.11 -18.01 -16.18
N GLY D 190 17.16 -18.74 -16.52
CA GLY D 190 18.51 -18.43 -16.10
C GLY D 190 19.06 -17.13 -16.61
N LEU D 191 18.86 -16.82 -17.90
CA LEU D 191 19.40 -15.59 -18.47
C LEU D 191 18.75 -14.36 -17.88
N LEU D 192 17.41 -14.38 -17.74
CA LEU D 192 16.66 -13.30 -17.14
C LEU D 192 17.06 -13.08 -15.67
N GLY D 193 17.18 -14.19 -14.93
CA GLY D 193 17.62 -14.19 -13.55
C GLY D 193 19.01 -13.58 -13.41
N MET D 194 19.95 -14.02 -14.26
CA MET D 194 21.33 -13.54 -14.35
C MET D 194 21.39 -12.03 -14.60
N ARG D 195 20.56 -11.52 -15.54
CA ARG D 195 20.46 -10.11 -15.87
C ARG D 195 19.89 -9.33 -14.65
N GLU D 196 18.87 -9.88 -13.96
CA GLU D 196 18.30 -9.24 -12.79
C GLU D 196 19.30 -9.09 -11.63
N ARG D 197 20.04 -10.16 -11.29
CA ARG D 197 21.01 -10.15 -10.19
C ARG D 197 22.15 -9.21 -10.52
N LEU D 198 22.67 -9.26 -11.78
CA LEU D 198 23.77 -8.41 -12.22
C LEU D 198 23.35 -6.96 -12.20
N GLU D 199 22.14 -6.64 -12.63
CA GLU D 199 21.66 -5.27 -12.64
C GLU D 199 21.39 -4.75 -11.23
N PHE D 200 21.01 -5.62 -10.29
CA PHE D 200 20.80 -5.21 -8.91
C PHE D 200 22.14 -4.77 -8.27
N ALA D 201 23.21 -5.48 -8.62
CA ALA D 201 24.58 -5.23 -8.20
C ALA D 201 25.26 -4.07 -8.95
N ASN D 202 24.55 -3.39 -9.88
CA ASN D 202 25.05 -2.32 -10.74
C ASN D 202 26.07 -2.81 -11.79
N GLY D 203 26.02 -4.09 -12.11
CA GLY D 203 26.83 -4.68 -13.15
C GLY D 203 26.03 -4.77 -14.43
N SER D 204 26.47 -5.65 -15.33
CA SER D 204 25.82 -5.79 -16.61
C SER D 204 26.06 -7.15 -17.26
N LEU D 205 25.20 -7.47 -18.24
CA LEU D 205 25.26 -8.68 -19.05
C LEU D 205 25.13 -8.28 -20.53
N HIS D 206 26.05 -8.74 -21.34
CA HIS D 206 26.05 -8.50 -22.78
C HIS D 206 26.24 -9.85 -23.45
N ILE D 207 25.40 -10.20 -24.42
CA ILE D 207 25.52 -11.48 -25.13
C ILE D 207 25.88 -11.26 -26.59
N ASP D 208 27.00 -11.84 -27.06
CA ASP D 208 27.37 -11.75 -28.46
C ASP D 208 27.21 -13.11 -29.09
N THR D 209 26.16 -13.29 -29.87
CA THR D 209 25.87 -14.55 -30.52
C THR D 209 26.59 -14.69 -31.90
N GLU D 210 27.43 -13.72 -32.29
CA GLU D 210 28.21 -13.80 -33.53
C GLU D 210 29.44 -14.64 -33.22
N ASN D 211 29.76 -15.65 -34.05
CA ASN D 211 30.94 -16.49 -33.82
C ASN D 211 30.79 -17.31 -32.49
N GLY D 212 29.63 -17.93 -32.30
CA GLY D 212 29.33 -18.73 -31.11
C GLY D 212 28.37 -18.01 -30.19
N THR D 213 28.67 -18.00 -28.90
CA THR D 213 27.90 -17.32 -27.84
C THR D 213 28.93 -16.81 -26.84
N LYS D 214 28.95 -15.51 -26.61
CA LYS D 214 29.90 -14.88 -25.71
C LYS D 214 29.16 -14.05 -24.66
N LEU D 215 29.11 -14.56 -23.42
CA LEU D 215 28.44 -13.85 -22.34
C LEU D 215 29.46 -13.02 -21.60
N THR D 216 29.19 -11.73 -21.41
CA THR D 216 30.09 -10.86 -20.70
C THR D 216 29.40 -10.33 -19.46
N MET D 217 29.78 -10.88 -18.30
CA MET D 217 29.18 -10.52 -17.02
C MET D 217 30.11 -9.62 -16.25
N ALA D 218 29.73 -8.35 -16.08
CA ALA D 218 30.56 -7.41 -15.35
C ALA D 218 29.92 -7.05 -14.01
N ILE D 219 30.75 -6.80 -12.99
CA ILE D 219 30.27 -6.41 -11.66
C ILE D 219 31.26 -5.39 -11.06
N PRO D 220 30.76 -4.29 -10.45
CA PRO D 220 31.69 -3.25 -9.97
C PRO D 220 32.54 -3.58 -8.74
N ASN D 221 33.64 -2.84 -8.61
CA ASN D 221 34.52 -2.92 -7.46
C ASN D 221 33.96 -2.04 -6.33
N ASN D 222 34.49 -2.20 -5.12
CA ASN D 222 34.05 -1.44 -3.94
C ASN D 222 34.65 -0.01 -3.88
N SER D 223 34.46 0.69 -2.73
CA SER D 223 34.95 2.04 -2.39
C SER D 223 34.39 3.13 -3.29
N SER E 4 -20.58 -12.67 -14.64
CA SER E 4 -20.96 -12.75 -13.23
C SER E 4 -19.83 -12.26 -12.28
N MET E 5 -20.20 -11.92 -11.02
CA MET E 5 -19.35 -11.32 -10.00
C MET E 5 -18.74 -12.29 -9.00
N ILE E 6 -17.47 -12.06 -8.66
CA ILE E 6 -16.74 -12.83 -7.67
C ILE E 6 -16.53 -11.95 -6.44
N SER E 7 -17.21 -12.29 -5.33
CA SER E 7 -17.03 -11.52 -4.10
C SER E 7 -15.76 -11.96 -3.38
N ILE E 8 -15.08 -11.02 -2.72
CA ILE E 8 -13.80 -11.29 -2.10
C ILE E 8 -13.69 -10.65 -0.71
N PHE E 9 -13.08 -11.34 0.24
CA PHE E 9 -12.72 -10.77 1.51
C PHE E 9 -11.20 -10.72 1.50
N ILE E 10 -10.59 -9.62 1.97
CA ILE E 10 -9.13 -9.57 2.05
C ILE E 10 -8.71 -9.46 3.50
N ALA E 11 -7.76 -10.30 3.97
CA ALA E 11 -7.28 -10.20 5.34
C ALA E 11 -5.82 -9.91 5.26
N GLU E 12 -5.40 -8.73 5.74
CA GLU E 12 -4.01 -8.30 5.70
C GLU E 12 -3.79 -7.40 6.87
N ASP E 13 -2.73 -7.64 7.66
CA ASP E 13 -2.45 -6.78 8.80
C ASP E 13 -1.89 -5.44 8.39
N GLN E 14 -1.08 -5.39 7.32
CA GLN E 14 -0.49 -4.14 6.84
C GLN E 14 -1.54 -3.29 6.13
N GLN E 15 -1.95 -2.19 6.79
CA GLN E 15 -3.02 -1.30 6.37
C GLN E 15 -2.81 -0.68 4.97
N MET E 16 -1.60 -0.20 4.69
CA MET E 16 -1.25 0.36 3.39
C MET E 16 -1.43 -0.69 2.28
N LEU E 17 -1.02 -1.94 2.57
CA LEU E 17 -1.07 -3.09 1.69
C LEU E 17 -2.48 -3.56 1.47
N LEU E 18 -3.27 -3.60 2.55
CA LEU E 18 -4.68 -3.99 2.53
C LEU E 18 -5.46 -3.05 1.60
N GLY E 19 -5.09 -1.76 1.59
CA GLY E 19 -5.68 -0.73 0.74
C GLY E 19 -5.36 -0.97 -0.72
N ALA E 20 -4.07 -1.06 -1.07
CA ALA E 20 -3.64 -1.31 -2.45
C ALA E 20 -4.23 -2.60 -3.02
N LEU E 21 -4.28 -3.69 -2.22
CA LEU E 21 -4.84 -4.97 -2.68
C LEU E 21 -6.31 -4.82 -2.99
N GLY E 22 -7.04 -4.07 -2.15
CA GLY E 22 -8.45 -3.82 -2.37
C GLY E 22 -8.67 -3.03 -3.65
N SER E 23 -7.88 -1.99 -3.84
CA SER E 23 -8.00 -1.11 -5.00
C SER E 23 -7.68 -1.82 -6.32
N LEU E 24 -6.58 -2.58 -6.33
CA LEU E 24 -6.15 -3.37 -7.47
C LEU E 24 -7.22 -4.41 -7.86
N LEU E 25 -7.80 -5.07 -6.87
CA LEU E 25 -8.80 -6.09 -7.13
C LEU E 25 -10.14 -5.54 -7.52
N ASN E 26 -10.51 -4.37 -6.97
CA ASN E 26 -11.80 -3.78 -7.28
C ASN E 26 -11.87 -3.34 -8.75
N LEU E 27 -10.73 -2.87 -9.30
CA LEU E 27 -10.48 -2.47 -10.68
C LEU E 27 -10.85 -3.60 -11.71
N GLU E 28 -11.09 -4.81 -11.25
CA GLU E 28 -11.46 -5.92 -12.11
C GLU E 28 -12.96 -5.87 -12.34
N ASP E 29 -13.38 -5.94 -13.60
CA ASP E 29 -14.79 -5.90 -13.97
C ASP E 29 -15.61 -7.03 -13.37
N ASP E 30 -14.97 -8.16 -13.05
CA ASP E 30 -15.68 -9.33 -12.53
C ASP E 30 -15.47 -9.64 -11.08
N MET E 31 -14.75 -8.78 -10.37
CA MET E 31 -14.52 -8.97 -8.94
C MET E 31 -14.91 -7.71 -8.18
N GLU E 32 -15.20 -7.87 -6.87
CA GLU E 32 -15.47 -6.76 -5.98
C GLU E 32 -15.15 -7.12 -4.57
N VAL E 33 -14.37 -6.28 -3.89
CA VAL E 33 -14.02 -6.55 -2.50
C VAL E 33 -15.22 -6.20 -1.61
N VAL E 34 -15.75 -7.20 -0.89
CA VAL E 34 -16.92 -7.07 -0.02
C VAL E 34 -16.59 -6.96 1.48
N GLY E 35 -15.33 -7.09 1.84
CA GLY E 35 -14.92 -7.01 3.22
C GLY E 35 -13.43 -6.99 3.34
N LYS E 36 -12.92 -6.31 4.37
CA LYS E 36 -11.49 -6.22 4.63
C LYS E 36 -11.22 -6.38 6.13
N GLY E 37 -10.12 -7.05 6.46
CA GLY E 37 -9.77 -7.31 7.84
C GLY E 37 -8.28 -7.26 8.06
N THR E 38 -7.87 -7.10 9.31
CA THR E 38 -6.47 -6.99 9.66
C THR E 38 -5.92 -8.18 10.47
N THR E 39 -6.77 -9.11 10.87
CA THR E 39 -6.36 -10.32 11.60
C THR E 39 -7.12 -11.54 11.01
N GLY E 40 -6.64 -12.74 11.33
CA GLY E 40 -7.27 -14.00 10.95
C GLY E 40 -8.65 -14.14 11.57
N GLN E 41 -8.91 -13.44 12.72
CA GLN E 41 -10.20 -13.48 13.37
C GLN E 41 -11.25 -12.74 12.55
N ASP E 42 -10.87 -11.61 11.93
CA ASP E 42 -11.80 -10.87 11.06
C ASP E 42 -12.23 -11.73 9.88
N ALA E 43 -11.30 -12.56 9.36
CA ALA E 43 -11.56 -13.46 8.24
C ALA E 43 -12.49 -14.58 8.67
N VAL E 44 -12.28 -15.13 9.88
CA VAL E 44 -13.14 -16.16 10.46
C VAL E 44 -14.55 -15.57 10.64
N ASP E 45 -14.67 -14.47 11.39
CA ASP E 45 -15.93 -13.79 11.66
C ASP E 45 -16.71 -13.46 10.37
N PHE E 46 -16.03 -12.88 9.36
CA PHE E 46 -16.70 -12.49 8.11
C PHE E 46 -17.13 -13.68 7.26
N VAL E 47 -16.23 -14.60 6.94
CA VAL E 47 -16.54 -15.76 6.10
C VAL E 47 -17.64 -16.66 6.70
N LYS E 48 -17.71 -16.69 8.05
CA LYS E 48 -18.77 -17.45 8.73
C LYS E 48 -20.13 -16.75 8.52
N LYS E 49 -20.20 -15.43 8.77
CA LYS E 49 -21.42 -14.64 8.61
C LYS E 49 -21.86 -14.39 7.13
N ARG E 50 -21.08 -13.61 6.36
CA ARG E 50 -21.41 -13.22 5.01
C ARG E 50 -21.11 -14.27 3.94
N GLN E 51 -20.04 -15.05 4.13
CA GLN E 51 -19.58 -16.11 3.22
C GLN E 51 -19.35 -15.63 1.79
N PRO E 52 -18.15 -15.10 1.51
CA PRO E 52 -17.86 -14.64 0.13
C PRO E 52 -17.42 -15.77 -0.80
N ASP E 53 -17.28 -15.48 -2.10
CA ASP E 53 -16.84 -16.47 -3.07
C ASP E 53 -15.37 -16.85 -2.81
N VAL E 54 -14.49 -15.84 -2.68
CA VAL E 54 -13.06 -16.04 -2.46
C VAL E 54 -12.64 -15.30 -1.20
N CYS E 55 -11.56 -15.74 -0.56
CA CYS E 55 -11.02 -15.03 0.58
C CYS E 55 -9.52 -15.03 0.44
N ILE E 56 -8.97 -13.85 0.12
CA ILE E 56 -7.52 -13.65 -0.03
C ILE E 56 -6.98 -13.44 1.39
N MET E 57 -5.90 -14.11 1.77
CA MET E 57 -5.46 -14.10 3.15
C MET E 57 -3.96 -14.08 3.41
N ASP E 58 -3.52 -13.13 4.23
CA ASP E 58 -2.11 -13.06 4.63
C ASP E 58 -1.86 -14.11 5.73
N ILE E 59 -0.67 -14.72 5.73
CA ILE E 59 -0.33 -15.64 6.80
C ILE E 59 -0.07 -14.82 8.11
N GLU E 60 1.08 -14.12 8.22
CA GLU E 60 1.51 -13.39 9.40
C GLU E 60 0.69 -12.15 9.73
N MET E 61 -0.20 -12.31 10.67
CA MET E 61 -1.04 -11.24 11.16
C MET E 61 -1.12 -11.39 12.69
N PRO E 62 -1.07 -10.28 13.46
CA PRO E 62 -1.27 -10.40 14.92
C PRO E 62 -2.67 -10.96 15.28
N GLY E 63 -2.85 -11.36 16.54
CA GLY E 63 -4.08 -11.99 16.98
C GLY E 63 -4.11 -13.39 16.39
N LYS E 64 -5.09 -13.69 15.53
CA LYS E 64 -5.13 -14.97 14.85
C LYS E 64 -4.36 -14.85 13.52
N THR E 65 -3.59 -15.89 13.10
CA THR E 65 -2.87 -15.83 11.83
C THR E 65 -3.70 -16.43 10.69
N GLY E 66 -3.29 -16.20 9.44
CA GLY E 66 -3.99 -16.65 8.26
C GLY E 66 -4.03 -18.16 8.10
N LEU E 67 -2.97 -18.85 8.53
CA LEU E 67 -2.94 -20.32 8.52
C LEU E 67 -3.90 -20.84 9.59
N GLU E 68 -3.89 -20.23 10.78
CA GLU E 68 -4.82 -20.59 11.85
C GLU E 68 -6.27 -20.38 11.41
N ALA E 69 -6.53 -19.31 10.67
CA ALA E 69 -7.86 -18.99 10.19
C ALA E 69 -8.29 -19.90 9.06
N ALA E 70 -7.36 -20.32 8.21
CA ALA E 70 -7.69 -21.21 7.09
C ALA E 70 -8.13 -22.59 7.56
N GLU E 71 -7.63 -23.02 8.73
CA GLU E 71 -7.93 -24.28 9.37
C GLU E 71 -9.32 -24.24 10.01
N GLU E 72 -9.71 -23.10 10.58
CA GLU E 72 -11.05 -22.95 11.15
C GLU E 72 -12.14 -22.85 10.10
N LEU E 73 -11.80 -22.48 8.85
CA LEU E 73 -12.75 -22.34 7.75
C LEU E 73 -12.56 -23.44 6.70
N LYS E 74 -12.02 -24.61 7.12
CA LYS E 74 -11.70 -25.75 6.26
C LYS E 74 -12.93 -26.33 5.57
N ASP E 75 -14.03 -26.49 6.32
CA ASP E 75 -15.24 -27.06 5.75
C ASP E 75 -16.32 -25.99 5.60
N THR E 76 -16.00 -24.88 4.90
CA THR E 76 -16.95 -23.78 4.73
C THR E 76 -17.36 -23.49 3.28
N GLY E 77 -16.67 -24.08 2.33
CA GLY E 77 -16.98 -23.86 0.92
C GLY E 77 -16.39 -22.60 0.33
N CYS E 78 -15.70 -21.79 1.16
CA CYS E 78 -15.05 -20.56 0.73
C CYS E 78 -13.69 -20.91 0.14
N LYS E 79 -13.38 -20.36 -1.03
CA LYS E 79 -12.10 -20.65 -1.67
C LYS E 79 -11.02 -19.76 -1.09
N ILE E 80 -10.13 -20.31 -0.27
CA ILE E 80 -9.07 -19.53 0.34
C ILE E 80 -7.79 -19.45 -0.49
N ILE E 81 -7.28 -18.23 -0.68
CA ILE E 81 -5.97 -17.99 -1.30
C ILE E 81 -5.05 -17.45 -0.21
N ILE E 82 -3.86 -17.99 -0.14
CA ILE E 82 -2.91 -17.60 0.88
C ILE E 82 -1.81 -16.76 0.25
N LEU E 83 -1.51 -15.61 0.87
CA LEU E 83 -0.46 -14.74 0.36
C LEU E 83 0.55 -14.59 1.45
N THR E 84 1.81 -14.68 1.07
CA THR E 84 2.89 -14.50 2.00
C THR E 84 4.07 -13.79 1.27
N THR E 85 4.96 -13.21 2.06
CA THR E 85 6.10 -12.50 1.53
C THR E 85 7.32 -13.42 1.47
N PHE E 86 7.53 -14.19 2.55
CA PHE E 86 8.67 -15.11 2.67
C PHE E 86 8.20 -16.53 2.77
N ALA E 87 8.87 -17.43 2.05
CA ALA E 87 8.59 -18.86 2.17
C ALA E 87 9.25 -19.32 3.47
N ARG E 88 8.45 -19.78 4.44
CA ARG E 88 9.00 -20.19 5.74
C ARG E 88 8.73 -21.68 6.07
N PRO E 89 9.56 -22.28 6.94
CA PRO E 89 9.35 -23.70 7.29
C PRO E 89 7.98 -23.96 7.91
N GLY E 90 7.29 -24.95 7.34
CA GLY E 90 5.99 -25.35 7.84
C GLY E 90 4.80 -24.64 7.24
N TYR E 91 5.06 -23.63 6.41
CA TYR E 91 4.01 -22.83 5.81
C TYR E 91 3.26 -23.58 4.70
N PHE E 92 3.99 -24.15 3.74
CA PHE E 92 3.37 -24.92 2.65
C PHE E 92 2.63 -26.14 3.16
N GLN E 93 3.19 -26.79 4.19
CA GLN E 93 2.62 -27.97 4.82
C GLN E 93 1.29 -27.57 5.47
N ARG E 94 1.28 -26.58 6.38
CA ARG E 94 0.05 -26.13 7.02
C ARG E 94 -0.98 -25.58 6.06
N ALA E 95 -0.54 -25.11 4.87
CA ALA E 95 -1.46 -24.57 3.87
C ALA E 95 -2.17 -25.71 3.15
N ILE E 96 -1.43 -26.78 2.76
CA ILE E 96 -2.03 -27.95 2.11
C ILE E 96 -2.91 -28.73 3.11
N LYS E 97 -2.47 -28.82 4.37
CA LYS E 97 -3.23 -29.46 5.44
C LYS E 97 -4.55 -28.73 5.70
N ALA E 98 -4.59 -27.39 5.49
CA ALA E 98 -5.85 -26.64 5.64
C ALA E 98 -6.72 -26.59 4.39
N GLY E 99 -6.26 -27.17 3.28
CA GLY E 99 -7.03 -27.26 2.06
C GLY E 99 -7.20 -25.97 1.28
N VAL E 100 -6.18 -25.11 1.32
CA VAL E 100 -6.23 -23.84 0.59
C VAL E 100 -6.20 -24.09 -0.92
N LYS E 101 -6.91 -23.26 -1.67
CA LYS E 101 -6.95 -23.39 -3.13
C LYS E 101 -5.79 -22.68 -3.84
N GLY E 102 -5.19 -21.68 -3.18
CA GLY E 102 -4.07 -20.90 -3.72
C GLY E 102 -3.03 -20.56 -2.67
N TYR E 103 -1.79 -20.42 -3.10
CA TYR E 103 -0.69 -20.11 -2.21
C TYR E 103 0.33 -19.37 -3.03
N LEU E 104 0.27 -18.02 -2.98
CA LEU E 104 1.06 -17.10 -3.77
C LEU E 104 1.97 -16.12 -2.98
N LEU E 105 2.92 -15.48 -3.69
CA LEU E 105 3.83 -14.46 -3.17
C LEU E 105 3.07 -13.11 -3.28
N LYS E 106 3.06 -12.32 -2.19
CA LYS E 106 2.32 -11.07 -2.11
C LYS E 106 2.62 -10.04 -3.22
N ASP E 107 3.91 -9.92 -3.59
CA ASP E 107 4.39 -8.99 -4.60
C ASP E 107 4.26 -9.49 -6.06
N SER E 108 3.60 -10.64 -6.28
CA SER E 108 3.37 -11.19 -7.62
CA SER E 108 3.47 -11.12 -7.65
C SER E 108 2.46 -10.24 -8.37
N PRO E 109 2.69 -9.98 -9.68
CA PRO E 109 1.84 -9.03 -10.42
C PRO E 109 0.34 -9.17 -10.20
N SER E 110 -0.39 -8.06 -10.34
CA SER E 110 -1.84 -8.04 -10.15
C SER E 110 -2.55 -8.91 -11.19
N GLU E 111 -1.99 -8.99 -12.41
CA GLU E 111 -2.51 -9.78 -13.52
C GLU E 111 -2.60 -11.25 -13.10
N GLU E 112 -1.49 -11.76 -12.49
CA GLU E 112 -1.37 -13.10 -11.96
C GLU E 112 -2.35 -13.39 -10.86
N LEU E 113 -2.51 -12.51 -9.85
CA LEU E 113 -3.46 -12.74 -8.77
C LEU E 113 -4.92 -12.71 -9.27
N ALA E 114 -5.25 -11.81 -10.22
CA ALA E 114 -6.60 -11.78 -10.79
C ALA E 114 -6.85 -13.07 -11.56
N ASN E 115 -5.82 -13.56 -12.30
CA ASN E 115 -5.94 -14.85 -13.00
C ASN E 115 -6.12 -16.03 -12.00
N ALA E 116 -5.33 -16.04 -10.91
CA ALA E 116 -5.44 -17.04 -9.86
C ALA E 116 -6.82 -17.05 -9.24
N ILE E 117 -7.45 -15.87 -9.08
CA ILE E 117 -8.77 -15.81 -8.46
C ILE E 117 -9.81 -16.45 -9.38
N ARG E 118 -9.74 -16.17 -10.69
CA ARG E 118 -10.66 -16.74 -11.68
C ARG E 118 -10.45 -18.24 -11.81
N SER E 119 -9.18 -18.68 -11.86
CA SER E 119 -8.77 -20.09 -11.92
C SER E 119 -9.26 -20.84 -10.70
N VAL E 120 -9.07 -20.29 -9.50
CA VAL E 120 -9.55 -20.93 -8.27
C VAL E 120 -11.07 -21.06 -8.29
N MET E 121 -11.78 -20.09 -8.85
CA MET E 121 -13.24 -20.16 -8.97
C MET E 121 -13.70 -21.25 -9.95
N ASN E 122 -12.84 -21.61 -10.92
CA ASN E 122 -13.07 -22.68 -11.89
C ASN E 122 -12.48 -24.02 -11.38
N GLY E 123 -12.52 -24.23 -10.06
CA GLY E 123 -12.05 -25.45 -9.40
C GLY E 123 -10.56 -25.73 -9.34
N LYS E 124 -9.73 -25.04 -10.16
CA LYS E 124 -8.28 -25.25 -10.20
C LYS E 124 -7.57 -24.85 -8.88
N ARG E 125 -6.33 -25.29 -8.68
CA ARG E 125 -5.53 -24.95 -7.50
C ARG E 125 -4.18 -24.42 -7.98
N ILE E 126 -3.86 -23.16 -7.63
CA ILE E 126 -2.63 -22.55 -8.11
C ILE E 126 -1.70 -22.27 -6.94
N TYR E 127 -0.50 -22.90 -6.98
CA TYR E 127 0.57 -22.78 -5.98
C TYR E 127 1.78 -22.12 -6.61
N ALA E 128 2.54 -21.34 -5.84
CA ALA E 128 3.72 -20.65 -6.37
C ALA E 128 4.99 -21.47 -6.14
N PRO E 129 5.73 -21.79 -7.22
CA PRO E 129 6.96 -22.59 -7.07
C PRO E 129 7.96 -22.06 -6.04
N GLU E 130 8.21 -20.73 -6.05
CA GLU E 130 9.11 -20.03 -5.13
C GLU E 130 8.78 -20.31 -3.66
N LEU E 131 7.49 -20.46 -3.36
CA LEU E 131 7.05 -20.71 -1.99
C LEU E 131 7.15 -22.19 -1.54
N MET E 132 7.36 -23.11 -2.48
CA MET E 132 7.49 -24.53 -2.14
C MET E 132 8.89 -25.08 -2.45
N GLU E 133 9.80 -24.99 -1.48
CA GLU E 133 11.16 -25.45 -1.65
C GLU E 133 11.74 -25.86 -0.29
N ASP E 134 12.55 -26.92 -0.25
CA ASP E 134 13.11 -27.40 1.01
C ASP E 134 14.30 -26.56 1.49
N MET F 5 20.94 30.38 -16.88
CA MET F 5 21.15 28.94 -17.01
C MET F 5 22.28 28.38 -16.17
N ILE F 6 22.01 27.26 -15.47
CA ILE F 6 22.99 26.61 -14.61
C ILE F 6 23.39 25.30 -15.23
N SER F 7 24.65 25.18 -15.64
CA SER F 7 25.13 23.94 -16.22
C SER F 7 25.42 22.92 -15.09
N ILE F 8 25.10 21.63 -15.33
CA ILE F 8 25.30 20.61 -14.32
C ILE F 8 26.07 19.42 -14.88
N PHE F 9 27.01 18.92 -14.12
CA PHE F 9 27.70 17.67 -14.41
C PHE F 9 27.24 16.75 -13.24
N ILE F 10 27.07 15.45 -13.50
CA ILE F 10 26.64 14.52 -12.46
C ILE F 10 27.59 13.33 -12.44
N ALA F 11 28.14 12.96 -11.28
CA ALA F 11 29.00 11.78 -11.17
C ALA F 11 28.31 10.80 -10.23
N GLU F 12 27.88 9.66 -10.76
CA GLU F 12 27.17 8.64 -10.01
C GLU F 12 27.54 7.30 -10.60
N ASP F 13 27.95 6.35 -9.77
CA ASP F 13 28.29 5.01 -10.27
C ASP F 13 27.05 4.21 -10.64
N GLN F 14 25.93 4.39 -9.92
CA GLN F 14 24.70 3.67 -10.20
C GLN F 14 24.03 4.24 -11.44
N GLN F 15 24.08 3.47 -12.54
CA GLN F 15 23.60 3.84 -13.88
C GLN F 15 22.11 4.23 -13.92
N MET F 16 21.26 3.45 -13.27
CA MET F 16 19.83 3.74 -13.20
C MET F 16 19.58 5.09 -12.53
N LEU F 17 20.35 5.36 -11.45
CA LEU F 17 20.30 6.55 -10.61
C LEU F 17 20.82 7.76 -11.34
N LEU F 18 21.95 7.59 -12.05
CA LEU F 18 22.58 8.62 -12.87
C LEU F 18 21.59 9.12 -13.95
N GLY F 19 20.78 8.20 -14.50
CA GLY F 19 19.74 8.52 -15.47
C GLY F 19 18.63 9.36 -14.87
N ALA F 20 18.01 8.87 -13.79
CA ALA F 20 16.92 9.58 -13.10
C ALA F 20 17.34 10.98 -12.61
N LEU F 21 18.58 11.11 -12.09
CA LEU F 21 19.10 12.41 -11.62
C LEU F 21 19.21 13.39 -12.78
N GLY F 22 19.71 12.91 -13.92
CA GLY F 22 19.80 13.75 -15.11
C GLY F 22 18.43 14.21 -15.58
N SER F 23 17.48 13.27 -15.67
CA SER F 23 16.13 13.56 -16.12
C SER F 23 15.40 14.55 -15.23
N LEU F 24 15.52 14.35 -13.92
CA LEU F 24 14.87 15.22 -12.94
C LEU F 24 15.40 16.65 -13.01
N LEU F 25 16.72 16.78 -13.13
CA LEU F 25 17.36 18.10 -13.22
C LEU F 25 17.08 18.80 -14.55
N ASN F 26 17.20 18.09 -15.69
CA ASN F 26 16.92 18.60 -17.04
C ASN F 26 15.53 19.21 -17.16
N LEU F 27 14.57 18.68 -16.39
CA LEU F 27 13.19 19.11 -16.32
C LEU F 27 13.04 20.55 -15.80
N GLU F 28 14.05 21.03 -15.06
CA GLU F 28 14.06 22.38 -14.52
C GLU F 28 14.31 23.39 -15.64
N ASP F 29 13.58 24.51 -15.60
CA ASP F 29 13.69 25.57 -16.60
C ASP F 29 15.02 26.30 -16.58
N ASP F 30 15.68 26.35 -15.42
CA ASP F 30 16.93 27.09 -15.28
C ASP F 30 18.19 26.22 -15.19
N MET F 31 18.07 24.89 -15.36
CA MET F 31 19.22 23.98 -15.33
C MET F 31 19.30 23.13 -16.59
N GLU F 32 20.49 22.58 -16.85
CA GLU F 32 20.75 21.71 -17.98
C GLU F 32 21.93 20.81 -17.64
N VAL F 33 21.86 19.52 -18.01
CA VAL F 33 22.97 18.59 -17.73
C VAL F 33 23.92 18.56 -18.90
N VAL F 34 25.15 19.00 -18.67
CA VAL F 34 26.15 19.06 -19.72
C VAL F 34 27.14 17.88 -19.72
N GLY F 35 27.07 17.00 -18.71
CA GLY F 35 27.96 15.87 -18.63
C GLY F 35 27.55 14.90 -17.55
N LYS F 36 27.88 13.62 -17.74
CA LYS F 36 27.58 12.57 -16.78
C LYS F 36 28.76 11.60 -16.69
N GLY F 37 29.04 11.10 -15.49
CA GLY F 37 30.14 10.19 -15.24
C GLY F 37 29.81 9.14 -14.20
N THR F 38 30.57 8.05 -14.20
CA THR F 38 30.34 6.95 -13.26
C THR F 38 31.43 6.77 -12.20
N THR F 39 32.54 7.53 -12.30
CA THR F 39 33.63 7.50 -11.32
C THR F 39 34.09 8.96 -11.04
N GLY F 40 34.88 9.12 -9.97
CA GLY F 40 35.47 10.39 -9.58
C GLY F 40 36.45 10.89 -10.62
N GLN F 41 37.03 9.98 -11.43
CA GLN F 41 37.95 10.35 -12.49
C GLN F 41 37.22 11.07 -13.63
N ASP F 42 36.00 10.63 -13.97
CA ASP F 42 35.19 11.29 -15.00
C ASP F 42 34.88 12.73 -14.58
N ALA F 43 34.64 12.96 -13.28
CA ALA F 43 34.36 14.26 -12.71
C ALA F 43 35.60 15.16 -12.76
N VAL F 44 36.77 14.58 -12.46
CA VAL F 44 38.05 15.28 -12.52
C VAL F 44 38.30 15.68 -13.99
N ASP F 45 38.32 14.69 -14.90
CA ASP F 45 38.52 14.90 -16.34
C ASP F 45 37.59 15.96 -16.93
N PHE F 46 36.28 15.88 -16.64
CA PHE F 46 35.31 16.83 -17.19
C PHE F 46 35.45 18.24 -16.64
N VAL F 47 35.41 18.41 -15.31
CA VAL F 47 35.48 19.73 -14.68
C VAL F 47 36.79 20.46 -15.02
N LYS F 48 37.89 19.70 -15.25
CA LYS F 48 39.16 20.29 -15.65
C LYS F 48 39.06 20.84 -17.08
N LYS F 49 38.54 20.02 -18.02
CA LYS F 49 38.39 20.42 -19.42
C LYS F 49 37.24 21.43 -19.70
N ARG F 50 35.97 21.01 -19.53
CA ARG F 50 34.80 21.85 -19.83
C ARG F 50 34.44 22.89 -18.76
N GLN F 51 34.69 22.58 -17.48
CA GLN F 51 34.41 23.44 -16.33
C GLN F 51 32.96 23.94 -16.26
N PRO F 52 32.07 23.15 -15.64
CA PRO F 52 30.66 23.58 -15.53
C PRO F 52 30.39 24.51 -14.34
N ASP F 53 29.16 25.01 -14.22
CA ASP F 53 28.74 25.86 -13.10
C ASP F 53 28.75 25.06 -11.77
N VAL F 54 28.03 23.92 -11.73
CA VAL F 54 27.87 23.03 -10.58
C VAL F 54 28.33 21.61 -10.93
N CYS F 55 28.81 20.85 -9.96
CA CYS F 55 29.13 19.44 -10.15
C CYS F 55 28.50 18.65 -9.01
N ILE F 56 27.43 17.91 -9.30
CA ILE F 56 26.77 17.03 -8.33
C ILE F 56 27.63 15.76 -8.29
N MET F 57 27.97 15.26 -7.09
CA MET F 57 28.89 14.14 -6.98
C MET F 57 28.59 13.09 -5.88
N ASP F 58 28.37 11.82 -6.27
CA ASP F 58 28.17 10.74 -5.29
C ASP F 58 29.54 10.44 -4.62
N ILE F 59 29.54 10.03 -3.33
CA ILE F 59 30.81 9.74 -2.65
C ILE F 59 31.40 8.38 -3.09
N GLU F 60 30.78 7.24 -2.69
CA GLU F 60 31.32 5.92 -3.01
C GLU F 60 31.13 5.56 -4.47
N MET F 61 32.23 5.50 -5.20
CA MET F 61 32.24 5.13 -6.61
C MET F 61 33.51 4.38 -6.86
N PRO F 62 33.46 3.31 -7.67
CA PRO F 62 34.71 2.57 -7.97
C PRO F 62 35.74 3.45 -8.70
N GLY F 63 36.98 2.99 -8.75
CA GLY F 63 38.06 3.78 -9.33
C GLY F 63 38.37 4.92 -8.38
N LYS F 64 38.19 6.17 -8.83
CA LYS F 64 38.38 7.31 -7.95
C LYS F 64 37.06 7.61 -7.25
N THR F 65 37.11 7.94 -5.95
CA THR F 65 35.89 8.24 -5.20
C THR F 65 35.49 9.74 -5.38
N GLY F 66 34.31 10.12 -4.92
CA GLY F 66 33.83 11.48 -4.99
C GLY F 66 34.56 12.40 -4.02
N LEU F 67 34.98 11.83 -2.86
CA LEU F 67 35.74 12.54 -1.81
C LEU F 67 37.18 12.79 -2.31
N GLU F 68 37.75 11.83 -3.06
CA GLU F 68 39.07 11.96 -3.66
C GLU F 68 39.05 12.97 -4.82
N ALA F 69 37.95 12.98 -5.58
CA ALA F 69 37.79 13.88 -6.71
C ALA F 69 37.53 15.33 -6.28
N ALA F 70 36.76 15.54 -5.20
CA ALA F 70 36.48 16.91 -4.73
C ALA F 70 37.72 17.64 -4.16
N GLU F 71 38.77 16.87 -3.79
CA GLU F 71 40.05 17.34 -3.29
C GLU F 71 40.99 17.70 -4.45
N GLU F 72 40.89 16.98 -5.57
CA GLU F 72 41.68 17.30 -6.76
C GLU F 72 41.11 18.53 -7.51
N LEU F 73 39.83 18.88 -7.28
CA LEU F 73 39.20 20.05 -7.91
C LEU F 73 38.90 21.11 -6.83
N LYS F 74 39.83 21.26 -5.86
CA LYS F 74 39.68 22.21 -4.75
C LYS F 74 39.86 23.67 -5.20
N ASP F 75 40.86 23.92 -6.05
CA ASP F 75 41.13 25.28 -6.52
C ASP F 75 40.71 25.43 -8.00
N THR F 76 39.45 25.12 -8.31
CA THR F 76 38.98 25.19 -9.70
C THR F 76 37.83 26.15 -9.95
N GLY F 77 37.20 26.65 -8.89
CA GLY F 77 36.08 27.58 -9.04
C GLY F 77 34.74 26.93 -9.34
N CYS F 78 34.72 25.59 -9.46
CA CYS F 78 33.50 24.83 -9.71
C CYS F 78 32.81 24.60 -8.35
N LYS F 79 31.48 24.86 -8.26
CA LYS F 79 30.74 24.69 -7.00
C LYS F 79 30.22 23.24 -6.79
N ILE F 80 31.09 22.33 -6.30
CA ILE F 80 30.85 20.91 -6.02
C ILE F 80 29.82 20.59 -4.90
N ILE F 81 28.73 19.87 -5.24
CA ILE F 81 27.72 19.43 -4.27
C ILE F 81 27.85 17.93 -4.09
N ILE F 82 28.29 17.48 -2.92
CA ILE F 82 28.43 16.06 -2.66
C ILE F 82 27.09 15.47 -2.22
N LEU F 83 26.73 14.29 -2.79
CA LEU F 83 25.50 13.54 -2.48
C LEU F 83 25.87 12.14 -1.98
N THR F 84 25.20 11.68 -0.92
CA THR F 84 25.45 10.36 -0.37
C THR F 84 24.16 9.71 0.17
N THR F 85 24.21 8.39 0.37
CA THR F 85 23.07 7.64 0.88
C THR F 85 23.22 7.48 2.38
N PHE F 86 24.42 7.13 2.85
CA PHE F 86 24.70 6.94 4.25
C PHE F 86 25.70 7.95 4.77
N ALA F 87 25.42 8.53 5.96
CA ALA F 87 26.35 9.43 6.63
C ALA F 87 27.40 8.49 7.25
N ARG F 88 28.67 8.57 6.83
CA ARG F 88 29.71 7.68 7.34
C ARG F 88 30.86 8.40 8.05
N PRO F 89 31.59 7.69 8.93
CA PRO F 89 32.71 8.33 9.64
C PRO F 89 33.77 8.89 8.70
N GLY F 90 34.11 10.16 8.93
CA GLY F 90 35.13 10.87 8.15
C GLY F 90 34.67 11.40 6.82
N TYR F 91 33.35 11.40 6.58
CA TYR F 91 32.82 11.90 5.32
C TYR F 91 32.62 13.40 5.39
N PHE F 92 31.93 13.89 6.42
CA PHE F 92 31.72 15.33 6.59
C PHE F 92 33.02 16.08 6.91
N GLN F 93 33.95 15.42 7.58
CA GLN F 93 35.25 16.00 7.93
C GLN F 93 36.04 16.23 6.64
N ARG F 94 36.05 15.22 5.74
CA ARG F 94 36.75 15.26 4.46
C ARG F 94 36.08 16.17 3.44
N ALA F 95 34.76 16.37 3.57
CA ALA F 95 33.99 17.22 2.67
C ALA F 95 34.26 18.67 2.95
N ILE F 96 34.30 19.06 4.24
CA ILE F 96 34.60 20.45 4.61
C ILE F 96 36.06 20.80 4.28
N LYS F 97 36.98 19.84 4.48
CA LYS F 97 38.39 20.01 4.14
C LYS F 97 38.57 20.22 2.61
N ALA F 98 37.71 19.60 1.78
CA ALA F 98 37.79 19.80 0.32
C ALA F 98 37.02 21.05 -0.19
N GLY F 99 36.34 21.77 0.71
CA GLY F 99 35.64 23.02 0.42
C GLY F 99 34.36 22.90 -0.34
N VAL F 100 33.58 21.83 -0.08
CA VAL F 100 32.32 21.58 -0.77
C VAL F 100 31.23 22.56 -0.37
N LYS F 101 30.52 23.09 -1.36
CA LYS F 101 29.46 24.06 -1.10
C LYS F 101 28.16 23.42 -0.61
N GLY F 102 27.95 22.15 -0.96
CA GLY F 102 26.76 21.39 -0.57
C GLY F 102 27.08 19.98 -0.15
N TYR F 103 26.24 19.40 0.71
CA TYR F 103 26.37 18.03 1.22
C TYR F 103 24.99 17.55 1.56
N LEU F 104 24.34 16.83 0.62
CA LEU F 104 22.96 16.36 0.81
C LEU F 104 22.76 14.82 0.74
N LEU F 105 21.57 14.34 1.16
CA LEU F 105 21.17 12.93 1.09
C LEU F 105 20.59 12.70 -0.31
N LYS F 106 21.03 11.64 -0.99
CA LYS F 106 20.64 11.33 -2.37
C LYS F 106 19.14 11.26 -2.62
N ASP F 107 18.40 10.65 -1.67
CA ASP F 107 16.95 10.43 -1.75
C ASP F 107 16.09 11.62 -1.30
N SER F 108 16.71 12.78 -1.02
CA SER F 108 15.94 13.96 -0.64
C SER F 108 15.15 14.43 -1.87
N PRO F 109 13.92 14.94 -1.68
CA PRO F 109 13.09 15.35 -2.82
C PRO F 109 13.80 16.20 -3.88
N SER F 110 13.34 16.10 -5.14
CA SER F 110 13.93 16.82 -6.26
C SER F 110 13.79 18.34 -6.09
N GLU F 111 12.69 18.78 -5.48
CA GLU F 111 12.40 20.18 -5.19
C GLU F 111 13.51 20.78 -4.30
N GLU F 112 13.91 20.03 -3.25
CA GLU F 112 14.97 20.42 -2.34
C GLU F 112 16.31 20.46 -3.03
N LEU F 113 16.61 19.48 -3.88
CA LEU F 113 17.86 19.45 -4.61
C LEU F 113 17.97 20.63 -5.58
N ALA F 114 16.84 20.97 -6.23
CA ALA F 114 16.81 22.07 -7.18
C ALA F 114 17.14 23.39 -6.47
N ASN F 115 16.53 23.63 -5.30
CA ASN F 115 16.76 24.82 -4.49
C ASN F 115 18.17 24.84 -3.87
N ALA F 116 18.71 23.68 -3.49
CA ALA F 116 20.07 23.60 -2.97
C ALA F 116 21.16 23.73 -4.06
N ILE F 117 20.76 23.78 -5.34
CA ILE F 117 21.67 24.07 -6.45
C ILE F 117 21.63 25.59 -6.71
N ARG F 118 20.41 26.21 -6.65
CA ARG F 118 20.24 27.64 -6.85
C ARG F 118 20.90 28.42 -5.71
N SER F 119 20.75 27.93 -4.47
CA SER F 119 21.34 28.57 -3.31
C SER F 119 22.87 28.48 -3.32
N VAL F 120 23.43 27.35 -3.78
CA VAL F 120 24.89 27.22 -3.90
C VAL F 120 25.40 28.19 -4.98
N MET F 121 24.64 28.39 -6.07
CA MET F 121 25.03 29.33 -7.12
C MET F 121 24.99 30.79 -6.62
N ASN F 122 24.17 31.09 -5.60
CA ASN F 122 24.10 32.42 -4.96
C ASN F 122 25.05 32.52 -3.75
N GLY F 123 26.20 31.83 -3.83
CA GLY F 123 27.23 31.84 -2.80
C GLY F 123 26.97 31.13 -1.48
N LYS F 124 25.70 30.76 -1.19
CA LYS F 124 25.32 30.08 0.06
C LYS F 124 25.91 28.66 0.17
N ARG F 125 25.92 28.08 1.38
CA ARG F 125 26.41 26.72 1.59
C ARG F 125 25.34 25.91 2.32
N ILE F 126 24.82 24.86 1.67
CA ILE F 126 23.73 24.08 2.27
C ILE F 126 24.20 22.71 2.62
N TYR F 127 24.13 22.40 3.90
CA TYR F 127 24.47 21.07 4.38
C TYR F 127 23.19 20.41 4.98
N ALA F 128 23.15 19.07 4.98
CA ALA F 128 21.97 18.34 5.48
C ALA F 128 22.18 17.92 6.92
N PRO F 129 21.24 18.28 7.82
CA PRO F 129 21.39 17.92 9.23
C PRO F 129 21.63 16.44 9.51
N GLU F 130 20.87 15.56 8.82
CA GLU F 130 20.95 14.10 8.93
C GLU F 130 22.37 13.57 8.65
N LEU F 131 23.08 14.23 7.74
CA LEU F 131 24.43 13.82 7.37
C LEU F 131 25.53 14.37 8.28
N MET F 132 25.23 15.51 8.95
CA MET F 132 26.13 16.23 9.86
C MET F 132 26.41 15.47 11.16
N GLU F 133 25.37 15.24 11.99
CA GLU F 133 25.47 14.60 13.29
C GLU F 133 26.13 13.22 13.25
N ASP F 134 27.11 12.99 14.17
CA ASP F 134 27.90 11.78 14.35
C ASP F 134 28.23 11.06 13.03
PG ACP G . -40.33 6.74 -26.90
O1G ACP G . -40.34 8.06 -26.19
O2G ACP G . -41.73 6.12 -26.97
O3G ACP G . -39.40 5.70 -26.20
PB ACP G . -38.12 6.31 -29.03
O1B ACP G . -37.70 6.49 -30.48
O2B ACP G . -38.08 4.80 -28.67
C3B ACP G . -39.76 6.91 -28.60
PA ACP G . -35.86 6.48 -27.16
O1A ACP G . -36.29 5.31 -26.37
O2A ACP G . -35.39 7.59 -26.25
O3A ACP G . -37.09 7.03 -28.00
O5' ACP G . -34.71 6.15 -28.20
C5' ACP G . -34.23 7.24 -29.00
C4' ACP G . -33.64 6.66 -30.26
O4' ACP G . -32.47 5.90 -29.94
C3' ACP G . -34.53 5.68 -31.03
O3' ACP G . -35.48 6.34 -31.87
C2' ACP G . -33.50 4.90 -31.83
O2' ACP G . -33.08 5.68 -32.94
C1' ACP G . -32.36 4.79 -30.81
N9 ACP G . -32.36 3.55 -30.04
C8 ACP G . -32.70 3.39 -28.72
N7 ACP G . -32.56 2.17 -28.26
C5 ACP G . -32.07 1.47 -29.35
C6 ACP G . -31.62 0.15 -29.52
N6 ACP G . -31.69 -0.79 -28.58
N1 ACP G . -31.10 -0.20 -30.71
C2 ACP G . -31.05 0.72 -31.69
N3 ACP G . -31.44 2.00 -31.66
C4 ACP G . -31.94 2.32 -30.46
MG MG H . -38.08 4.23 -26.60
MG MG I . -27.42 8.75 2.64
BE BEF J . -27.95 10.15 5.39
F1 BEF J . -28.20 9.52 6.80
F2 BEF J . -28.73 11.48 5.42
F3 BEF J . -28.65 9.38 4.24
PG ACP K . 12.02 18.65 18.43
O1G ACP K . 12.74 18.23 17.19
O2G ACP K . 12.96 18.80 19.64
O3G ACP K . 10.92 17.65 18.84
PB ACP K . 9.58 20.57 18.78
O1B ACP K . 9.16 22.02 18.93
O2B ACP K . 9.41 19.85 20.16
C3B ACP K . 11.26 20.26 18.19
PA ACP K . 7.47 18.69 17.95
O1A ACP K . 7.95 17.63 18.85
O2A ACP K . 7.18 18.07 16.59
O3A ACP K . 8.57 19.83 17.77
O5' ACP K . 6.10 19.44 18.40
C5' ACP K . 5.54 20.49 17.60
C4' ACP K . 4.99 21.54 18.53
O4' ACP K . 3.83 21.02 19.23
C3' ACP K . 5.95 21.99 19.63
O3' ACP K . 6.81 23.02 19.15
C2' ACP K . 5.01 22.46 20.73
O2' ACP K . 4.63 23.83 20.60
C1' ACP K . 3.79 21.54 20.55
N9 ACP K . 3.75 20.41 21.48
C8 ACP K . 4.22 19.14 21.29
N7 ACP K . 4.08 18.35 22.32
C5 ACP K . 3.45 19.14 23.27
C6 ACP K . 3.00 18.89 24.57
N6 ACP K . 3.13 17.72 25.20
N1 ACP K . 2.40 19.91 25.24
C2 ACP K . 2.26 21.08 24.62
N3 ACP K . 2.64 21.44 23.40
C4 ACP K . 3.23 20.43 22.76
MG MG L . 9.48 17.72 20.31
PG ACP M . 16.84 -22.58 -16.98
O1G ACP M . 15.68 -22.12 -16.15
O2G ACP M . 17.59 -23.82 -16.42
O3G ACP M . 17.92 -21.50 -17.19
PB ACP M . 16.99 -22.45 -20.06
O1B ACP M . 16.40 -22.85 -21.41
O2B ACP M . 18.49 -22.83 -19.98
C3B ACP M . 16.20 -23.10 -18.59
PA ACP M . 17.94 -19.67 -20.20
O1A ACP M . 19.14 -19.88 -19.36
O2A ACP M . 17.25 -18.36 -19.84
O3A ACP M . 16.92 -20.84 -19.89
O5' ACP M . 18.25 -19.60 -21.83
C5' ACP M . 17.24 -19.20 -22.79
C4' ACP M . 17.46 -19.92 -24.09
O4' ACP M . 18.60 -19.38 -24.79
C3' ACP M . 17.77 -21.41 -23.94
O3' ACP M . 16.57 -22.16 -23.79
C2' ACP M . 18.52 -21.70 -25.25
O2' ACP M . 17.59 -21.87 -26.31
C1' ACP M . 19.32 -20.41 -25.45
N9 ACP M . 20.68 -20.44 -24.92
C8 ACP M . 21.12 -19.92 -23.73
N7 ACP M . 22.42 -20.00 -23.54
C5 ACP M . 22.87 -20.63 -24.68
C6 ACP M . 24.17 -21.02 -25.10
N6 ACP M . 25.28 -20.83 -24.38
N1 ACP M . 24.28 -21.65 -26.29
C2 ACP M . 23.17 -21.86 -27.01
N3 ACP M . 21.91 -21.53 -26.74
C4 ACP M . 21.82 -20.91 -25.55
MG MG N . 19.61 -21.83 -18.46
MG MG O . 1.34 -9.81 7.42
BE BEF P . 2.10 -12.15 5.39
F1 BEF P . 2.33 -13.69 5.69
F2 BEF P . 2.93 -11.80 4.12
F3 BEF P . 2.59 -11.18 6.52
S SO4 Q . -9.16 -30.61 0.97
O1 SO4 Q . -8.67 -31.17 2.23
O2 SO4 Q . -9.82 -29.32 1.21
O3 SO4 Q . -8.04 -30.42 0.04
O4 SO4 Q . -10.14 -31.52 0.37
MG MG R . 27.94 5.04 -5.32
BE BEF S . 27.13 7.18 -2.94
F1 BEF S . 28.02 7.53 -1.70
F2 BEF S . 25.62 7.03 -2.54
F3 BEF S . 27.59 5.78 -3.43
#